data_8QWQ
#
_entry.id   8QWQ
#
_entity_poly.entity_id   1
_entity_poly.type   'polypeptide(L)'
_entity_poly.pdbx_seq_one_letter_code
;MASEDGGRGPYVQADLAYAYEHITHDYPEPTAPNKNKISTVSDYFRNIRTRSVHPRVSVGYDFGGWRIAADYARYRKWNN
NKYSVNIENVRIRKENGIRIDRKTENQENGTFHAVSSLGLSAIYDFQINDKFKPYIGARVAYGHVRHSIDSTKKTIEVTT
VPSNAPNGAVTTYNTDPKTQNDYQSNSIRRVGLGVIAGVGFDITPKLTLDAGYRYHNWGRLENTRFKTHEASLGVRYRFK
LAAALEHHHHHH
;
_entity_poly.pdbx_strand_id   A
#
# COMPACT_ATOMS: atom_id res chain seq x y z
N ARG A 8 10.03 -1.02 -14.78
CA ARG A 8 10.81 -1.44 -13.63
C ARG A 8 10.93 -2.96 -13.57
N GLY A 9 9.83 -3.62 -13.19
CA GLY A 9 9.83 -5.06 -13.10
C GLY A 9 9.30 -5.56 -11.76
N PRO A 10 9.53 -6.85 -11.48
CA PRO A 10 9.08 -7.48 -10.24
C PRO A 10 9.85 -6.96 -9.02
N TYR A 11 9.22 -7.01 -7.85
CA TYR A 11 9.84 -6.56 -6.62
C TYR A 11 8.99 -6.92 -5.42
N VAL A 12 9.58 -6.83 -4.23
CA VAL A 12 8.88 -7.15 -2.99
C VAL A 12 8.64 -5.89 -2.16
N GLN A 13 7.50 -5.84 -1.49
CA GLN A 13 7.14 -4.70 -0.66
C GLN A 13 6.91 -5.13 0.78
N ALA A 14 7.19 -4.22 1.72
CA ALA A 14 6.99 -4.50 3.14
C ALA A 14 6.28 -3.35 3.83
N ASP A 15 5.47 -3.69 4.83
CA ASP A 15 4.72 -2.68 5.59
C ASP A 15 5.08 -2.75 7.07
N LEU A 16 5.34 -1.59 7.66
CA LEU A 16 5.69 -1.50 9.07
C LEU A 16 5.03 -0.30 9.73
N ALA A 17 4.61 -0.46 10.98
CA ALA A 17 3.97 0.62 11.73
C ALA A 17 4.82 1.04 12.92
N PRO A 55 5.24 -7.33 11.10
CA PRO A 55 5.00 -6.48 9.93
C PRO A 55 4.20 -7.19 8.85
N ARG A 56 3.90 -6.47 7.76
CA ARG A 56 3.14 -7.04 6.67
C ARG A 56 4.05 -7.36 5.47
N VAL A 57 3.82 -8.52 4.86
CA VAL A 57 4.62 -8.94 3.72
C VAL A 57 3.85 -8.78 2.41
N SER A 58 4.37 -7.96 1.51
CA SER A 58 3.71 -7.72 0.23
C SER A 58 4.67 -8.01 -0.92
N VAL A 59 4.11 -8.18 -2.12
CA VAL A 59 4.91 -8.46 -3.30
C VAL A 59 4.15 -8.11 -4.58
N GLY A 60 4.89 -7.73 -5.61
CA GLY A 60 4.26 -7.38 -6.88
C GLY A 60 5.26 -6.83 -7.88
N TYR A 61 4.76 -6.09 -8.87
CA TYR A 61 5.62 -5.50 -9.89
C TYR A 61 5.24 -4.05 -10.15
N ASP A 62 6.18 -3.29 -10.69
CA ASP A 62 5.95 -1.88 -10.99
C ASP A 62 6.56 -1.51 -12.34
N PHE A 63 6.27 -0.29 -12.79
CA PHE A 63 6.79 0.19 -14.08
C PHE A 63 7.39 1.58 -13.93
N GLY A 64 6.71 2.43 -13.17
CA GLY A 64 7.19 3.79 -12.96
C GLY A 64 6.17 4.68 -12.29
N GLY A 65 4.98 4.75 -12.88
CA GLY A 65 3.92 5.57 -12.31
C GLY A 65 2.87 4.76 -11.58
N TRP A 66 2.61 3.55 -12.08
CA TRP A 66 1.63 2.67 -11.47
C TRP A 66 2.28 1.38 -10.99
N ARG A 67 2.15 1.11 -9.69
CA ARG A 67 2.73 -0.11 -9.10
C ARG A 67 1.65 -1.00 -8.51
N ILE A 68 1.74 -2.29 -8.78
CA ILE A 68 0.76 -3.26 -8.27
C ILE A 68 1.44 -4.33 -7.43
N ALA A 69 0.87 -4.61 -6.27
CA ALA A 69 1.42 -5.62 -5.37
C ALA A 69 0.41 -6.00 -4.30
N ALA A 70 0.35 -7.29 -3.98
CA ALA A 70 -0.57 -7.79 -2.96
C ALA A 70 0.07 -7.78 -1.58
N ASP A 71 -0.75 -7.73 -0.55
CA ASP A 71 -0.26 -7.72 0.83
C ASP A 71 -0.76 -8.94 1.59
N TYR A 72 0.05 -9.44 2.52
CA TYR A 72 -0.30 -10.60 3.31
C TYR A 72 0.22 -10.48 4.73
N ALA A 73 -0.61 -10.87 5.70
CA ALA A 73 -0.22 -10.80 7.11
C ALA A 73 -0.87 -11.92 7.91
N ARG A 74 -0.33 -12.19 9.09
CA ARG A 74 -0.84 -13.24 9.95
C ARG A 74 -1.44 -12.66 11.22
N VAL A 115 -6.02 -19.19 10.12
CA VAL A 115 -6.44 -17.83 9.80
C VAL A 115 -5.31 -17.04 9.16
N SER A 116 -5.65 -16.20 8.18
CA SER A 116 -4.66 -15.39 7.49
C SER A 116 -5.30 -14.15 6.88
N SER A 117 -4.50 -13.11 6.69
CA SER A 117 -4.99 -11.86 6.12
C SER A 117 -4.43 -11.64 4.71
N LEU A 118 -5.32 -11.57 3.73
CA LEU A 118 -4.91 -11.36 2.34
C LEU A 118 -5.59 -10.13 1.76
N GLY A 119 -4.79 -9.28 1.11
CA GLY A 119 -5.33 -8.07 0.51
C GLY A 119 -4.53 -7.62 -0.70
N LEU A 120 -5.04 -6.61 -1.39
CA LEU A 120 -4.38 -6.09 -2.58
C LEU A 120 -3.94 -4.64 -2.37
N SER A 121 -2.79 -4.29 -2.92
CA SER A 121 -2.25 -2.94 -2.79
C SER A 121 -1.89 -2.36 -4.15
N ALA A 122 -2.29 -1.12 -4.39
CA ALA A 122 -2.00 -0.46 -5.66
C ALA A 122 -1.59 1.00 -5.43
N ILE A 123 -0.39 1.35 -5.89
CA ILE A 123 0.11 2.71 -5.74
C ILE A 123 0.16 3.43 -7.08
N TYR A 124 -0.08 4.74 -7.04
CA TYR A 124 -0.07 5.55 -8.26
C TYR A 124 0.59 6.90 -8.00
N ASP A 125 1.25 7.43 -9.03
CA ASP A 125 1.92 8.72 -8.92
C ASP A 125 2.02 9.40 -10.28
N PHE A 126 2.36 10.68 -10.28
CA PHE A 126 2.49 11.45 -11.51
C PHE A 126 3.35 12.69 -11.30
N GLN A 127 4.49 12.52 -10.65
CA GLN A 127 5.40 13.62 -10.37
C GLN A 127 6.83 13.26 -10.74
N ILE A 128 7.61 14.25 -11.16
CA ILE A 128 9.00 14.03 -11.53
C ILE A 128 9.92 15.01 -10.81
N ASN A 129 11.05 14.50 -10.35
CA ASN A 129 12.03 15.33 -9.64
C ASN A 129 13.27 14.52 -9.27
N ASP A 130 14.13 15.11 -8.46
CA ASP A 130 15.36 14.45 -8.02
C ASP A 130 15.03 13.23 -7.16
N LYS A 131 14.47 13.48 -5.99
CA LYS A 131 14.12 12.41 -5.07
C LYS A 131 13.08 12.88 -4.05
N PHE A 132 12.48 11.93 -3.35
CA PHE A 132 11.46 12.24 -2.35
C PHE A 132 10.27 12.94 -3.00
N LYS A 133 9.23 12.16 -3.31
CA LYS A 133 8.03 12.70 -3.94
C LYS A 133 6.78 12.07 -3.33
N PRO A 134 5.63 12.74 -3.52
CA PRO A 134 4.34 12.26 -3.01
C PRO A 134 3.85 11.02 -3.75
N TYR A 135 2.84 10.36 -3.19
CA TYR A 135 2.28 9.16 -3.80
C TYR A 135 0.87 8.90 -3.28
N ILE A 136 0.01 8.38 -4.15
CA ILE A 136 -1.36 8.08 -3.78
C ILE A 136 -1.83 6.78 -4.43
N GLY A 137 -2.53 5.95 -3.65
CA GLY A 137 -3.03 4.69 -4.16
C GLY A 137 -4.14 4.11 -3.31
N ALA A 138 -4.57 2.90 -3.65
CA ALA A 138 -5.63 2.24 -2.90
C ALA A 138 -5.26 0.79 -2.61
N ARG A 139 -5.87 0.24 -1.56
CA ARG A 139 -5.60 -1.14 -1.17
C ARG A 139 -6.80 -1.75 -0.47
N VAL A 140 -7.09 -3.02 -0.76
CA VAL A 140 -8.21 -3.72 -0.16
C VAL A 140 -7.74 -4.80 0.80
N ALA A 141 -8.45 -4.96 1.91
CA ALA A 141 -8.12 -5.96 2.91
C ALA A 141 -9.18 -7.05 2.99
N TYR A 142 -8.76 -8.30 2.90
CA TYR A 142 -9.68 -9.42 2.96
C TYR A 142 -9.20 -10.46 3.98
N GLY A 143 -9.95 -10.60 5.07
CA GLY A 143 -9.59 -11.56 6.10
C GLY A 143 -10.58 -12.70 6.19
N HIS A 144 -10.06 -13.93 6.21
CA HIS A 144 -10.90 -15.12 6.30
C HIS A 144 -10.08 -16.35 6.63
N VAL A 145 -10.67 -17.30 7.34
CA VAL A 145 -9.98 -18.53 7.73
C VAL A 145 -10.17 -19.60 6.66
N ARG A 189 -14.17 -13.16 9.99
CA ARG A 189 -14.07 -12.54 8.67
C ARG A 189 -13.85 -11.04 8.79
N ARG A 190 -12.95 -10.51 7.97
CA ARG A 190 -12.64 -9.09 7.98
C ARG A 190 -12.47 -8.55 6.57
N VAL A 191 -13.58 -8.27 5.91
CA VAL A 191 -13.55 -7.76 4.54
C VAL A 191 -13.75 -6.24 4.52
N GLY A 192 -12.78 -5.52 3.96
CA GLY A 192 -12.88 -4.07 3.90
C GLY A 192 -11.99 -3.48 2.82
N LEU A 193 -12.12 -2.18 2.58
CA LEU A 193 -11.33 -1.50 1.57
C LEU A 193 -10.84 -0.15 2.09
N GLY A 194 -9.55 0.13 1.87
CA GLY A 194 -8.98 1.38 2.32
C GLY A 194 -8.09 2.02 1.27
N VAL A 195 -7.54 3.19 1.60
CA VAL A 195 -6.66 3.90 0.68
C VAL A 195 -5.38 4.34 1.37
N ILE A 196 -4.35 4.64 0.58
CA ILE A 196 -3.07 5.08 1.11
C ILE A 196 -2.56 6.31 0.38
N ALA A 197 -1.76 7.11 1.08
CA ALA A 197 -1.20 8.32 0.50
C ALA A 197 -0.12 8.91 1.40
N GLY A 198 0.87 9.55 0.78
CA GLY A 198 1.96 10.15 1.54
C GLY A 198 3.14 10.51 0.67
N VAL A 199 4.35 10.32 1.21
CA VAL A 199 5.57 10.63 0.48
C VAL A 199 6.56 9.47 0.54
N GLY A 200 7.31 9.28 -0.54
CA GLY A 200 8.29 8.20 -0.58
C GLY A 200 9.58 8.62 -1.25
N PHE A 201 10.68 7.98 -0.87
CA PHE A 201 11.98 8.28 -1.45
C PHE A 201 12.80 7.02 -1.66
N ASP A 202 13.88 7.14 -2.42
CA ASP A 202 14.74 6.00 -2.72
C ASP A 202 15.98 6.44 -3.49
N ILE A 203 17.13 6.41 -2.83
CA ILE A 203 18.38 6.81 -3.46
C ILE A 203 18.70 5.92 -4.65
N THR A 204 18.37 4.64 -4.53
CA THR A 204 18.62 3.67 -5.60
C THR A 204 17.36 2.87 -5.92
N PRO A 205 17.33 2.28 -7.12
CA PRO A 205 16.19 1.47 -7.58
C PRO A 205 16.08 0.15 -6.82
N LYS A 206 17.22 -0.40 -6.44
CA LYS A 206 17.24 -1.66 -5.69
C LYS A 206 16.32 -1.60 -4.48
N LEU A 207 16.62 -0.69 -3.57
CA LEU A 207 15.82 -0.52 -2.37
C LEU A 207 15.12 0.84 -2.35
N THR A 208 13.89 0.85 -1.83
CA THR A 208 13.11 2.08 -1.76
C THR A 208 12.35 2.18 -0.45
N LEU A 209 12.18 3.40 0.05
CA LEU A 209 11.46 3.62 1.30
C LEU A 209 10.26 4.55 1.09
N ASP A 210 9.17 4.25 1.78
CA ASP A 210 7.96 5.06 1.66
C ASP A 210 7.29 5.23 3.02
N ALA A 211 6.60 6.36 3.20
CA ALA A 211 5.93 6.65 4.45
C ALA A 211 4.72 7.56 4.23
N GLY A 212 3.64 7.30 4.96
CA GLY A 212 2.45 8.10 4.82
C GLY A 212 1.29 7.58 5.65
N TYR A 213 0.09 8.03 5.35
CA TYR A 213 -1.10 7.61 6.07
C TYR A 213 -2.05 6.83 5.17
N ARG A 214 -2.91 6.02 5.78
CA ARG A 214 -3.87 5.22 5.02
C ARG A 214 -5.20 5.12 5.77
N TYR A 215 -6.29 5.24 5.04
CA TYR A 215 -7.62 5.16 5.64
C TYR A 215 -8.24 3.78 5.42
N HIS A 216 -9.06 3.35 6.37
CA HIS A 216 -9.71 2.05 6.27
C HIS A 216 -11.23 2.21 6.25
N ASN A 217 -11.85 1.72 5.18
CA ASN A 217 -13.30 1.81 5.04
C ASN A 217 -13.95 0.44 5.19
N TRP A 218 -14.88 0.33 6.14
CA TRP A 218 -15.57 -0.93 6.39
C TRP A 218 -16.46 -1.30 5.22
N GLY A 219 -17.22 -0.33 4.72
CA GLY A 219 -18.10 -0.58 3.59
C GLY A 219 -19.51 -0.91 4.04
N ARG A 220 -20.49 -0.20 3.47
CA ARG A 220 -21.89 -0.42 3.81
C ARG A 220 -22.80 0.28 2.81
N LEU A 221 -22.74 1.60 2.78
CA LEU A 221 -23.57 2.39 1.87
C LEU A 221 -22.70 3.22 0.93
N GLU A 222 -23.35 4.01 0.08
CA GLU A 222 -22.64 4.86 -0.87
C GLU A 222 -22.79 6.33 -0.51
N ASN A 223 -22.72 6.63 0.79
CA ASN A 223 -22.84 8.00 1.27
C ASN A 223 -22.13 8.18 2.60
N THR A 224 -20.98 7.53 2.73
CA THR A 224 -20.19 7.62 3.96
C THR A 224 -20.94 7.03 5.15
N ARG A 225 -20.21 6.68 6.20
CA ARG A 225 -20.81 6.11 7.39
C ARG A 225 -19.76 5.88 8.48
N PHE A 226 -18.72 5.13 8.14
CA PHE A 226 -17.65 4.84 9.09
C PHE A 226 -16.32 4.69 8.37
N LYS A 227 -15.36 5.55 8.72
CA LYS A 227 -14.04 5.51 8.10
C LYS A 227 -12.95 5.73 9.14
N THR A 228 -11.83 5.02 8.98
CA THR A 228 -10.72 5.14 9.91
C THR A 228 -9.47 5.67 9.21
N HIS A 229 -8.49 6.09 9.99
CA HIS A 229 -7.24 6.61 9.45
C HIS A 229 -6.06 6.24 10.34
N GLU A 230 -4.95 5.85 9.72
CA GLU A 230 -3.75 5.49 10.47
C GLU A 230 -2.49 5.91 9.72
N ALA A 231 -1.36 5.90 10.42
CA ALA A 231 -0.09 6.28 9.82
C ALA A 231 0.91 5.13 9.88
N SER A 232 1.58 4.87 8.76
CA SER A 232 2.56 3.80 8.69
C SER A 232 3.55 4.04 7.55
N LEU A 233 4.58 3.20 7.49
CA LEU A 233 5.59 3.32 6.45
C LEU A 233 5.98 1.95 5.91
N GLY A 234 6.38 1.90 4.64
CA GLY A 234 6.77 0.65 4.03
C GLY A 234 8.11 0.76 3.30
N VAL A 235 8.57 -0.37 2.77
CA VAL A 235 9.84 -0.39 2.05
C VAL A 235 9.84 -1.48 0.98
N ARG A 236 10.40 -1.17 -0.18
CA ARG A 236 10.46 -2.11 -1.29
C ARG A 236 11.88 -2.63 -1.47
N TYR A 237 12.01 -3.96 -1.62
CA TYR A 237 13.31 -4.59 -1.80
C TYR A 237 13.21 -5.75 -2.78
N ARG A 238 14.37 -6.14 -3.32
CA ARG A 238 14.42 -7.24 -4.28
C ARG A 238 14.27 -8.58 -3.57
N ARG A 8 7.75 -6.22 -17.15
CA ARG A 8 7.30 -6.61 -15.82
C ARG A 8 8.35 -6.29 -14.77
N GLY A 9 7.99 -5.43 -13.82
CA GLY A 9 8.92 -5.05 -12.77
C GLY A 9 8.50 -5.55 -11.41
N PRO A 10 8.69 -6.85 -11.16
CA PRO A 10 8.33 -7.48 -9.89
C PRO A 10 9.23 -7.03 -8.74
N TYR A 11 8.63 -6.82 -7.58
CA TYR A 11 9.38 -6.38 -6.40
C TYR A 11 8.64 -6.74 -5.13
N VAL A 12 9.36 -6.78 -4.02
CA VAL A 12 8.77 -7.10 -2.72
C VAL A 12 8.89 -5.94 -1.76
N GLN A 13 7.74 -5.52 -1.20
CA GLN A 13 7.72 -4.40 -0.26
C GLN A 13 7.11 -4.84 1.08
N ALA A 14 7.62 -4.26 2.16
CA ALA A 14 7.13 -4.59 3.49
C ALA A 14 6.38 -3.41 4.11
N ASP A 15 5.51 -3.69 5.07
CA ASP A 15 4.74 -2.65 5.74
C ASP A 15 4.99 -2.66 7.24
N LEU A 16 5.25 -1.48 7.79
CA LEU A 16 5.53 -1.36 9.22
C LEU A 16 4.88 -0.10 9.79
N ALA A 17 4.52 -0.14 11.07
CA ALA A 17 3.90 1.00 11.73
C ALA A 17 4.89 1.71 12.65
N PRO A 55 5.26 -7.26 11.36
CA PRO A 55 5.40 -6.62 10.04
C PRO A 55 4.55 -7.33 8.98
N ARG A 56 4.16 -6.58 7.96
CA ARG A 56 3.34 -7.13 6.88
C ARG A 56 4.19 -7.39 5.63
N VAL A 57 3.91 -8.49 4.95
CA VAL A 57 4.65 -8.85 3.74
C VAL A 57 3.83 -8.53 2.50
N SER A 58 4.38 -7.65 1.65
CA SER A 58 3.71 -7.26 0.42
C SER A 58 4.58 -7.55 -0.79
N VAL A 59 3.95 -7.88 -1.92
CA VAL A 59 4.67 -8.17 -3.14
C VAL A 59 3.82 -7.84 -4.37
N GLY A 60 4.49 -7.45 -5.45
CA GLY A 60 3.79 -7.10 -6.68
C GLY A 60 4.74 -6.77 -7.82
N TYR A 61 4.23 -6.04 -8.80
CA TYR A 61 5.04 -5.67 -9.96
C TYR A 61 4.64 -4.29 -10.47
N ASP A 62 5.51 -3.69 -11.28
CA ASP A 62 5.24 -2.37 -11.83
C ASP A 62 5.61 -2.32 -13.32
N PHE A 63 5.32 -1.20 -13.96
CA PHE A 63 5.63 -1.03 -15.38
C PHE A 63 5.43 0.43 -15.81
N GLY A 64 5.87 1.34 -14.95
CA GLY A 64 5.73 2.76 -15.26
C GLY A 64 4.28 3.21 -15.27
N GLY A 65 4.02 4.38 -14.68
CA GLY A 65 2.67 4.91 -14.64
C GLY A 65 1.95 4.55 -13.35
N TRP A 66 2.06 3.28 -12.95
CA TRP A 66 1.42 2.80 -11.73
C TRP A 66 1.88 1.41 -11.38
N ARG A 67 2.15 1.17 -10.09
CA ARG A 67 2.60 -0.13 -9.63
C ARG A 67 1.53 -0.81 -8.79
N ILE A 68 1.45 -2.14 -8.90
CA ILE A 68 0.47 -2.91 -8.15
C ILE A 68 1.14 -3.96 -7.28
N ALA A 69 0.58 -4.19 -6.09
CA ALA A 69 1.12 -5.17 -5.16
C ALA A 69 0.12 -5.48 -4.05
N ALA A 70 0.09 -6.74 -3.63
CA ALA A 70 -0.82 -7.17 -2.58
C ALA A 70 -0.08 -7.32 -1.25
N ASP A 71 -0.83 -7.30 -0.16
CA ASP A 71 -0.25 -7.43 1.17
C ASP A 71 -0.78 -8.68 1.87
N TYR A 72 0.04 -9.25 2.75
CA TYR A 72 -0.34 -10.45 3.48
C TYR A 72 0.30 -10.49 4.86
N ALA A 73 -0.41 -11.06 5.83
CA ALA A 73 0.10 -11.16 7.19
C ALA A 73 -0.63 -12.25 7.97
N ARG A 74 -0.16 -12.50 9.19
CA ARG A 74 -0.76 -13.53 10.03
C ARG A 74 -0.62 -14.91 9.40
N VAL A 115 -6.28 -19.72 8.86
CA VAL A 115 -6.60 -18.32 9.17
C VAL A 115 -5.43 -17.40 8.86
N SER A 116 -5.68 -16.39 8.02
CA SER A 116 -4.64 -15.45 7.65
C SER A 116 -5.25 -14.21 7.00
N SER A 117 -4.45 -13.15 6.90
CA SER A 117 -4.92 -11.90 6.31
C SER A 117 -4.30 -11.69 4.93
N LEU A 118 -5.15 -11.50 3.93
CA LEU A 118 -4.69 -11.28 2.56
C LEU A 118 -5.46 -10.14 1.90
N GLY A 119 -4.72 -9.22 1.27
CA GLY A 119 -5.35 -8.10 0.60
C GLY A 119 -4.58 -7.64 -0.62
N LEU A 120 -5.17 -6.74 -1.40
CA LEU A 120 -4.54 -6.24 -2.61
C LEU A 120 -4.40 -4.71 -2.54
N SER A 121 -3.27 -4.21 -3.01
CA SER A 121 -3.01 -2.78 -3.02
C SER A 121 -2.51 -2.31 -4.39
N ALA A 122 -2.63 -1.01 -4.64
CA ALA A 122 -2.19 -0.45 -5.91
C ALA A 122 -1.80 1.02 -5.74
N ILE A 123 -0.54 1.32 -6.05
CA ILE A 123 -0.03 2.69 -5.94
C ILE A 123 0.30 3.27 -7.31
N TYR A 124 0.16 4.59 -7.43
CA TYR A 124 0.45 5.26 -8.69
C TYR A 124 1.05 6.64 -8.44
N ASP A 125 1.83 7.11 -9.40
CA ASP A 125 2.48 8.41 -9.29
C ASP A 125 2.19 9.27 -10.51
N PHE A 126 2.54 10.55 -10.43
CA PHE A 126 2.31 11.48 -11.53
C PHE A 126 3.29 12.65 -11.48
N GLN A 127 3.52 13.16 -10.26
CA GLN A 127 4.43 14.28 -10.08
C GLN A 127 5.85 13.91 -10.50
N ILE A 128 6.80 14.79 -10.21
CA ILE A 128 8.19 14.55 -10.57
C ILE A 128 9.13 15.41 -9.71
N ASN A 129 10.08 14.76 -9.06
CA ASN A 129 11.04 15.46 -8.22
C ASN A 129 12.38 14.74 -8.19
N ASP A 130 13.27 15.16 -7.30
CA ASP A 130 14.58 14.55 -7.17
C ASP A 130 14.69 13.75 -5.87
N LYS A 131 15.43 12.65 -5.92
CA LYS A 131 15.60 11.80 -4.75
C LYS A 131 14.30 11.09 -4.39
N PHE A 132 13.37 11.83 -3.79
CA PHE A 132 12.09 11.28 -3.39
C PHE A 132 10.95 11.91 -4.19
N LYS A 133 9.80 11.25 -4.18
CA LYS A 133 8.63 11.74 -4.90
C LYS A 133 7.34 11.28 -4.24
N PRO A 134 6.24 11.97 -4.54
CA PRO A 134 4.92 11.66 -3.98
C PRO A 134 4.36 10.34 -4.51
N TYR A 135 3.28 9.87 -3.91
CA TYR A 135 2.65 8.62 -4.33
C TYR A 135 1.25 8.50 -3.75
N ILE A 136 0.31 8.06 -4.59
CA ILE A 136 -1.08 7.89 -4.16
C ILE A 136 -1.69 6.63 -4.75
N GLY A 137 -2.56 5.99 -3.98
CA GLY A 137 -3.20 4.78 -4.44
C GLY A 137 -4.23 4.25 -3.46
N ALA A 138 -4.62 2.99 -3.63
CA ALA A 138 -5.60 2.37 -2.75
C ALA A 138 -5.05 1.08 -2.15
N ARG A 139 -5.79 0.50 -1.20
CA ARG A 139 -5.37 -0.73 -0.55
C ARG A 139 -6.56 -1.41 0.12
N VAL A 140 -6.91 -2.60 -0.37
CA VAL A 140 -8.03 -3.35 0.19
C VAL A 140 -7.53 -4.60 0.91
N ALA A 141 -8.09 -4.85 2.10
CA ALA A 141 -7.71 -6.01 2.90
C ALA A 141 -8.87 -7.00 3.00
N TYR A 142 -8.55 -8.29 2.92
CA TYR A 142 -9.56 -9.33 3.01
C TYR A 142 -9.16 -10.41 4.02
N GLY A 143 -10.13 -10.88 4.79
CA GLY A 143 -9.85 -11.90 5.78
C GLY A 143 -10.90 -13.00 5.79
N HIS A 144 -10.44 -14.24 5.71
CA HIS A 144 -11.35 -15.39 5.70
C HIS A 144 -10.57 -16.69 5.83
N VAL A 145 -11.30 -17.80 5.95
CA VAL A 145 -10.67 -19.12 6.08
C VAL A 145 -11.17 -20.06 5.00
N ARG A 189 -15.52 -14.02 5.61
CA ARG A 189 -15.71 -13.73 7.02
C ARG A 189 -15.64 -12.23 7.28
N ARG A 190 -14.51 -11.63 6.93
CA ARG A 190 -14.32 -10.20 7.13
C ARG A 190 -13.68 -9.56 5.90
N VAL A 191 -14.20 -8.41 5.49
CA VAL A 191 -13.69 -7.70 4.32
C VAL A 191 -13.63 -6.20 4.58
N GLY A 192 -12.56 -5.56 4.10
CA GLY A 192 -12.42 -4.13 4.29
C GLY A 192 -11.64 -3.48 3.16
N LEU A 193 -11.98 -2.22 2.86
CA LEU A 193 -11.33 -1.49 1.79
C LEU A 193 -10.85 -0.13 2.28
N GLY A 194 -9.60 0.21 1.99
CA GLY A 194 -9.04 1.48 2.40
C GLY A 194 -8.25 2.15 1.30
N VAL A 195 -7.70 3.33 1.61
CA VAL A 195 -6.90 4.07 0.64
C VAL A 195 -5.55 4.46 1.21
N ILE A 196 -4.56 4.59 0.34
CA ILE A 196 -3.21 4.96 0.76
C ILE A 196 -2.73 6.22 0.05
N ALA A 197 -1.94 7.02 0.75
CA ALA A 197 -1.41 8.25 0.18
C ALA A 197 -0.21 8.75 0.97
N GLY A 198 0.79 9.25 0.26
CA GLY A 198 1.99 9.76 0.92
C GLY A 198 3.13 9.99 -0.05
N VAL A 199 4.34 9.68 0.38
CA VAL A 199 5.53 9.86 -0.46
C VAL A 199 6.52 8.72 -0.27
N GLY A 200 7.54 8.69 -1.11
CA GLY A 200 8.55 7.65 -1.02
C GLY A 200 9.92 8.12 -1.47
N PHE A 201 10.95 7.66 -0.77
CA PHE A 201 12.32 8.03 -1.11
C PHE A 201 13.01 6.94 -1.91
N ASP A 202 13.45 7.28 -3.13
CA ASP A 202 14.12 6.32 -4.00
C ASP A 202 15.58 6.72 -4.21
N ILE A 203 16.33 6.83 -3.12
CA ILE A 203 17.73 7.21 -3.19
C ILE A 203 18.48 6.32 -4.17
N THR A 204 18.11 5.05 -4.23
CA THR A 204 18.74 4.10 -5.13
C THR A 204 17.80 2.95 -5.48
N PRO A 205 18.09 2.27 -6.60
CA PRO A 205 17.28 1.14 -7.06
C PRO A 205 17.41 -0.08 -6.16
N LYS A 206 18.58 -0.26 -5.58
CA LYS A 206 18.83 -1.39 -4.69
C LYS A 206 17.78 -1.46 -3.59
N LEU A 207 17.61 -0.35 -2.88
CA LEU A 207 16.63 -0.29 -1.80
C LEU A 207 15.79 0.98 -1.90
N THR A 208 14.53 0.87 -1.50
CA THR A 208 13.61 2.01 -1.56
C THR A 208 12.81 2.13 -0.26
N LEU A 209 12.43 3.36 0.08
CA LEU A 209 11.67 3.61 1.30
C LEU A 209 10.36 4.33 0.97
N ASP A 210 9.33 4.04 1.77
CA ASP A 210 8.02 4.66 1.56
C ASP A 210 7.36 4.97 2.90
N ALA A 211 6.65 6.09 2.96
CA ALA A 211 5.97 6.51 4.18
C ALA A 211 4.79 7.43 3.86
N GLY A 212 3.74 7.33 4.67
CA GLY A 212 2.57 8.16 4.46
C GLY A 212 1.40 7.73 5.32
N TYR A 213 0.20 8.19 4.96
CA TYR A 213 -1.00 7.86 5.72
C TYR A 213 -1.98 7.06 4.86
N ARG A 214 -2.96 6.44 5.51
CA ARG A 214 -3.96 5.64 4.80
C ARG A 214 -5.23 5.51 5.63
N TYR A 215 -6.36 5.43 4.96
CA TYR A 215 -7.65 5.31 5.63
C TYR A 215 -8.22 3.90 5.46
N HIS A 216 -8.97 3.44 6.46
CA HIS A 216 -9.58 2.12 6.42
C HIS A 216 -11.10 2.21 6.47
N ASN A 217 -11.76 1.72 5.42
CA ASN A 217 -13.22 1.76 5.34
C ASN A 217 -13.79 0.36 5.50
N TRP A 218 -14.67 0.20 6.50
CA TRP A 218 -15.29 -1.08 6.77
C TRP A 218 -16.31 -1.43 5.68
N GLY A 219 -17.00 -0.41 5.17
CA GLY A 219 -17.99 -0.62 4.14
C GLY A 219 -19.41 -0.45 4.65
N ARG A 220 -20.38 -0.57 3.74
CA ARG A 220 -21.78 -0.42 4.10
C ARG A 220 -22.34 -1.72 4.65
N LEU A 221 -22.40 -1.82 5.97
CA LEU A 221 -22.92 -3.02 6.62
C LEU A 221 -24.43 -2.94 6.81
N GLU A 222 -24.89 -1.84 7.40
CA GLU A 222 -26.32 -1.64 7.63
C GLU A 222 -26.69 -0.17 7.48
N ASN A 223 -25.91 0.70 8.11
CA ASN A 223 -26.16 2.14 8.05
C ASN A 223 -24.96 2.93 8.55
N THR A 224 -24.65 4.04 7.89
CA THR A 224 -23.52 4.87 8.28
C THR A 224 -22.21 4.09 8.22
N ARG A 225 -21.51 4.22 7.10
CA ARG A 225 -20.23 3.52 6.91
C ARG A 225 -19.22 3.96 7.98
N PHE A 226 -18.19 3.15 8.17
CA PHE A 226 -17.16 3.44 9.15
C PHE A 226 -15.79 3.59 8.47
N LYS A 227 -15.21 4.78 8.60
CA LYS A 227 -13.90 5.06 8.00
C LYS A 227 -12.95 5.66 9.02
N THR A 228 -11.73 5.16 9.07
CA THR A 228 -10.73 5.66 10.00
C THR A 228 -9.46 6.11 9.27
N HIS A 229 -8.60 6.82 9.98
CA HIS A 229 -7.36 7.32 9.40
C HIS A 229 -6.16 6.95 10.28
N GLU A 230 -5.10 6.46 9.65
CA GLU A 230 -3.90 6.06 10.37
C GLU A 230 -2.65 6.35 9.54
N ALA A 231 -1.49 6.31 10.20
CA ALA A 231 -0.23 6.57 9.53
C ALA A 231 0.70 5.36 9.61
N SER A 232 1.46 5.12 8.55
CA SER A 232 2.38 4.00 8.50
C SER A 232 3.44 4.21 7.42
N LEU A 233 4.42 3.32 7.39
CA LEU A 233 5.49 3.40 6.40
C LEU A 233 6.00 2.01 6.01
N GLY A 234 6.39 1.86 4.75
CA GLY A 234 6.88 0.58 4.28
C GLY A 234 8.23 0.69 3.62
N VAL A 235 8.79 -0.45 3.22
CA VAL A 235 10.10 -0.47 2.56
C VAL A 235 10.06 -1.35 1.31
N ARG A 236 10.64 -0.84 0.22
CA ARG A 236 10.68 -1.57 -1.04
C ARG A 236 12.03 -2.26 -1.22
N TYR A 237 11.99 -3.55 -1.56
CA TYR A 237 13.21 -4.32 -1.77
C TYR A 237 13.04 -5.30 -2.93
N ARG A 238 14.16 -5.78 -3.45
CA ARG A 238 14.14 -6.72 -4.56
C ARG A 238 14.04 -8.16 -4.05
N ARG A 8 4.91 -3.73 -15.03
CA ARG A 8 5.96 -3.93 -16.01
C ARG A 8 7.01 -4.90 -15.51
N GLY A 9 7.53 -4.63 -14.31
CA GLY A 9 8.55 -5.49 -13.73
C GLY A 9 8.21 -5.90 -12.31
N PRO A 10 8.91 -6.93 -11.81
CA PRO A 10 8.71 -7.45 -10.45
C PRO A 10 9.18 -6.47 -9.38
N TYR A 11 8.57 -6.55 -8.20
CA TYR A 11 8.93 -5.67 -7.09
C TYR A 11 8.31 -6.16 -5.79
N VAL A 12 9.05 -6.02 -4.70
CA VAL A 12 8.56 -6.43 -3.39
C VAL A 12 8.65 -5.29 -2.38
N GLN A 13 7.70 -5.24 -1.46
CA GLN A 13 7.67 -4.20 -0.44
C GLN A 13 7.01 -4.72 0.85
N ALA A 14 7.37 -4.08 1.97
CA ALA A 14 6.81 -4.47 3.26
C ALA A 14 6.07 -3.32 3.91
N ASP A 15 5.22 -3.64 4.88
CA ASP A 15 4.45 -2.63 5.60
C ASP A 15 4.75 -2.65 7.09
N LEU A 16 5.00 -1.48 7.66
CA LEU A 16 5.31 -1.37 9.08
C LEU A 16 4.62 -0.15 9.69
N ALA A 17 4.07 -0.33 10.88
CA ALA A 17 3.37 0.75 11.58
C ALA A 17 4.34 1.52 12.48
N PRO A 55 5.13 -6.62 11.08
CA PRO A 55 4.87 -6.02 9.77
C PRO A 55 4.19 -6.99 8.81
N ARG A 56 3.85 -6.50 7.63
CA ARG A 56 3.19 -7.32 6.62
C ARG A 56 4.07 -7.46 5.37
N VAL A 57 3.93 -8.59 4.69
CA VAL A 57 4.71 -8.85 3.48
C VAL A 57 3.90 -8.54 2.22
N SER A 58 4.41 -7.63 1.40
CA SER A 58 3.73 -7.24 0.17
C SER A 58 4.59 -7.56 -1.05
N VAL A 59 3.94 -7.92 -2.14
CA VAL A 59 4.64 -8.26 -3.38
C VAL A 59 3.80 -7.92 -4.60
N GLY A 60 4.46 -7.63 -5.71
CA GLY A 60 3.74 -7.30 -6.94
C GLY A 60 4.67 -6.78 -8.02
N TYR A 61 4.10 -6.06 -8.98
CA TYR A 61 4.88 -5.50 -10.08
C TYR A 61 4.73 -3.98 -10.14
N ASP A 62 5.74 -3.32 -10.69
CA ASP A 62 5.72 -1.87 -10.81
C ASP A 62 5.87 -1.44 -12.26
N PHE A 63 5.60 -0.17 -12.53
CA PHE A 63 5.69 0.37 -13.89
C PHE A 63 4.69 -0.31 -14.82
N GLY A 64 4.64 0.14 -16.06
CA GLY A 64 3.73 -0.44 -17.02
C GLY A 64 2.28 -0.27 -16.62
N GLY A 65 1.98 0.83 -15.94
CA GLY A 65 0.62 1.08 -15.50
C GLY A 65 0.51 1.20 -13.99
N TRP A 66 1.15 2.21 -13.42
CA TRP A 66 1.13 2.42 -11.98
C TRP A 66 1.79 1.25 -11.24
N ARG A 67 1.64 1.24 -9.93
CA ARG A 67 2.21 0.17 -9.11
C ARG A 67 1.12 -0.72 -8.53
N ILE A 68 1.31 -2.03 -8.66
CA ILE A 68 0.34 -2.99 -8.15
C ILE A 68 1.03 -4.10 -7.35
N ALA A 69 0.49 -4.40 -6.17
CA ALA A 69 1.04 -5.43 -5.32
C ALA A 69 0.08 -5.79 -4.19
N ALA A 70 0.02 -7.08 -3.86
CA ALA A 70 -0.86 -7.55 -2.79
C ALA A 70 -0.13 -7.62 -1.46
N ASP A 71 -0.89 -7.62 -0.37
CA ASP A 71 -0.30 -7.69 0.96
C ASP A 71 -0.74 -8.95 1.69
N TYR A 72 0.16 -9.51 2.49
CA TYR A 72 -0.14 -10.73 3.24
C TYR A 72 0.38 -10.62 4.67
N ALA A 73 -0.44 -11.08 5.62
CA ALA A 73 -0.06 -11.05 7.02
C ALA A 73 -0.82 -12.11 7.82
N ARG A 74 -0.43 -12.29 9.08
CA ARG A 74 -1.07 -13.26 9.95
C ARG A 74 -1.73 -12.58 11.14
N VAL A 115 -5.50 -19.09 10.61
CA VAL A 115 -6.07 -18.03 9.79
C VAL A 115 -4.97 -17.31 9.00
N SER A 116 -5.35 -16.76 7.84
CA SER A 116 -4.41 -16.05 6.99
C SER A 116 -5.03 -14.77 6.44
N SER A 117 -4.23 -13.71 6.36
CA SER A 117 -4.71 -12.43 5.86
C SER A 117 -4.13 -12.14 4.47
N LEU A 118 -5.02 -12.10 3.49
CA LEU A 118 -4.60 -11.83 2.11
C LEU A 118 -5.41 -10.69 1.52
N GLY A 119 -4.71 -9.72 0.91
CA GLY A 119 -5.38 -8.58 0.31
C GLY A 119 -4.63 -8.04 -0.89
N LEU A 120 -5.25 -7.10 -1.59
CA LEU A 120 -4.62 -6.49 -2.77
C LEU A 120 -4.40 -5.00 -2.56
N SER A 121 -3.21 -4.53 -2.94
CA SER A 121 -2.88 -3.12 -2.79
C SER A 121 -2.48 -2.52 -4.14
N ALA A 122 -2.71 -1.21 -4.28
CA ALA A 122 -2.38 -0.51 -5.52
C ALA A 122 -2.01 0.95 -5.24
N ILE A 123 -0.86 1.37 -5.75
CA ILE A 123 -0.41 2.74 -5.56
C ILE A 123 0.25 3.28 -6.82
N TYR A 124 0.30 4.60 -6.94
CA TYR A 124 0.90 5.24 -8.10
C TYR A 124 1.65 6.51 -7.70
N ASP A 125 2.83 6.70 -8.28
CA ASP A 125 3.65 7.87 -7.98
C ASP A 125 3.35 9.01 -8.96
N PHE A 126 3.50 10.23 -8.48
CA PHE A 126 3.24 11.41 -9.31
C PHE A 126 4.46 11.75 -10.16
N GLN A 127 5.64 11.67 -9.56
CA GLN A 127 6.88 11.97 -10.26
C GLN A 127 6.91 13.42 -10.70
N ILE A 128 7.70 14.23 -9.99
CA ILE A 128 7.83 15.65 -10.31
C ILE A 128 9.29 16.06 -10.43
N ASN A 129 10.10 15.66 -9.44
CA ASN A 129 11.52 15.98 -9.43
C ASN A 129 12.22 15.31 -8.26
N ASP A 130 13.53 15.15 -8.38
CA ASP A 130 14.32 14.53 -7.32
C ASP A 130 13.90 13.07 -7.11
N LYS A 131 14.78 12.29 -6.49
CA LYS A 131 14.50 10.89 -6.22
C LYS A 131 13.16 10.73 -5.50
N PHE A 132 13.12 11.11 -4.23
CA PHE A 132 11.91 11.01 -3.43
C PHE A 132 10.74 11.67 -4.15
N LYS A 133 9.58 11.01 -4.13
CA LYS A 133 8.39 11.54 -4.77
C LYS A 133 7.13 11.04 -4.06
N PRO A 134 6.01 11.75 -4.27
CA PRO A 134 4.72 11.40 -3.67
C PRO A 134 4.14 10.12 -4.25
N TYR A 135 3.08 9.62 -3.62
CA TYR A 135 2.43 8.39 -4.07
C TYR A 135 1.08 8.22 -3.40
N ILE A 136 0.07 7.84 -4.18
CA ILE A 136 -1.27 7.64 -3.67
C ILE A 136 -1.92 6.40 -4.28
N GLY A 137 -2.95 5.88 -3.62
CA GLY A 137 -3.63 4.71 -4.13
C GLY A 137 -4.61 4.13 -3.12
N ALA A 138 -4.95 2.86 -3.28
CA ALA A 138 -5.88 2.20 -2.38
C ALA A 138 -5.42 0.78 -2.06
N ARG A 139 -6.11 0.13 -1.13
CA ARG A 139 -5.77 -1.23 -0.73
C ARG A 139 -6.96 -1.92 -0.09
N VAL A 140 -7.03 -3.24 -0.23
CA VAL A 140 -8.12 -4.03 0.34
C VAL A 140 -7.60 -5.31 0.99
N ALA A 141 -8.11 -5.61 2.18
CA ALA A 141 -7.70 -6.81 2.90
C ALA A 141 -8.84 -7.81 3.00
N TYR A 142 -8.55 -9.07 2.75
CA TYR A 142 -9.55 -10.13 2.82
C TYR A 142 -9.07 -11.30 3.66
N GLY A 143 -9.98 -11.91 4.40
CA GLY A 143 -9.62 -13.03 5.25
C GLY A 143 -10.81 -13.96 5.49
N HIS A 144 -10.50 -15.24 5.70
CA HIS A 144 -11.55 -16.24 5.94
C HIS A 144 -12.48 -16.35 4.75
N VAL A 145 -12.08 -17.14 3.76
CA VAL A 145 -12.89 -17.33 2.56
C VAL A 145 -12.98 -18.81 2.20
N ARG A 189 -16.57 -14.36 7.80
CA ARG A 189 -15.43 -13.85 7.05
C ARG A 189 -15.12 -12.41 7.44
N ARG A 190 -13.91 -11.96 7.09
CA ARG A 190 -13.49 -10.60 7.40
C ARG A 190 -12.92 -9.91 6.17
N VAL A 191 -13.54 -8.82 5.76
CA VAL A 191 -13.10 -8.06 4.59
C VAL A 191 -13.24 -6.57 4.81
N GLY A 192 -12.21 -5.82 4.42
CA GLY A 192 -12.24 -4.37 4.59
C GLY A 192 -11.43 -3.65 3.53
N LEU A 193 -11.65 -2.35 3.40
CA LEU A 193 -10.93 -1.54 2.42
C LEU A 193 -10.12 -0.44 3.10
N GLY A 194 -9.25 0.20 2.34
CA GLY A 194 -8.43 1.27 2.89
C GLY A 194 -7.73 2.08 1.81
N VAL A 195 -7.34 3.30 2.16
CA VAL A 195 -6.66 4.18 1.22
C VAL A 195 -5.24 4.47 1.67
N ILE A 196 -4.35 4.70 0.70
CA ILE A 196 -2.96 5.00 0.99
C ILE A 196 -2.49 6.27 0.28
N ALA A 197 -1.84 7.15 1.03
CA ALA A 197 -1.35 8.40 0.46
C ALA A 197 -0.17 8.94 1.26
N GLY A 198 0.87 9.39 0.56
CA GLY A 198 2.04 9.92 1.22
C GLY A 198 3.20 10.16 0.26
N VAL A 199 4.43 9.94 0.74
CA VAL A 199 5.60 10.14 -0.09
C VAL A 199 6.66 9.08 0.21
N GLY A 200 7.50 8.79 -0.79
CA GLY A 200 8.54 7.80 -0.62
C GLY A 200 9.90 8.29 -1.08
N PHE A 201 10.95 7.89 -0.37
CA PHE A 201 12.31 8.30 -0.72
C PHE A 201 13.06 7.17 -1.41
N ASP A 202 13.67 7.47 -2.55
CA ASP A 202 14.42 6.48 -3.30
C ASP A 202 15.87 6.92 -3.48
N ILE A 203 16.61 6.95 -2.38
CA ILE A 203 18.02 7.36 -2.42
C ILE A 203 18.81 6.49 -3.40
N THR A 204 18.45 5.21 -3.47
CA THR A 204 19.13 4.28 -4.36
C THR A 204 18.19 3.18 -4.83
N PRO A 205 18.54 2.53 -5.95
CA PRO A 205 17.74 1.46 -6.53
C PRO A 205 17.76 0.20 -5.68
N LYS A 206 18.89 -0.05 -5.02
CA LYS A 206 19.03 -1.23 -4.16
C LYS A 206 17.89 -1.30 -3.15
N LEU A 207 17.77 -0.27 -2.32
CA LEU A 207 16.73 -0.22 -1.30
C LEU A 207 15.93 1.08 -1.41
N THR A 208 14.67 1.02 -0.99
CA THR A 208 13.80 2.19 -1.04
C THR A 208 12.96 2.31 0.23
N LEU A 209 12.61 3.53 0.60
CA LEU A 209 11.81 3.78 1.79
C LEU A 209 10.53 4.52 1.44
N ASP A 210 9.47 4.24 2.19
CA ASP A 210 8.17 4.90 1.96
C ASP A 210 7.50 5.22 3.28
N ALA A 211 6.84 6.37 3.33
CA ALA A 211 6.13 6.81 4.54
C ALA A 211 4.93 7.69 4.20
N GLY A 212 3.87 7.56 4.99
CA GLY A 212 2.68 8.35 4.74
C GLY A 212 1.52 7.93 5.63
N TYR A 213 0.31 8.34 5.25
CA TYR A 213 -0.88 8.01 6.03
C TYR A 213 -1.83 7.14 5.21
N ARG A 214 -2.75 6.45 5.90
CA ARG A 214 -3.71 5.59 5.23
C ARG A 214 -5.03 5.57 5.98
N TYR A 215 -6.13 5.44 5.25
CA TYR A 215 -7.46 5.42 5.85
C TYR A 215 -8.05 4.01 5.81
N HIS A 216 -8.96 3.74 6.73
CA HIS A 216 -9.61 2.43 6.79
C HIS A 216 -11.11 2.54 6.58
N ASN A 217 -11.60 1.90 5.53
CA ASN A 217 -13.03 1.94 5.20
C ASN A 217 -13.69 0.59 5.49
N TRP A 218 -14.73 0.61 6.31
CA TRP A 218 -15.44 -0.61 6.65
C TRP A 218 -15.98 -1.31 5.41
N GLY A 219 -16.61 -0.53 4.52
CA GLY A 219 -17.16 -1.09 3.30
C GLY A 219 -17.69 -0.03 2.36
N ARG A 220 -18.26 -0.45 1.24
CA ARG A 220 -18.80 0.47 0.26
C ARG A 220 -20.30 0.67 0.48
N LEU A 221 -20.69 1.90 0.82
CA LEU A 221 -22.09 2.23 1.06
C LEU A 221 -22.29 3.73 1.17
N GLU A 222 -23.18 4.27 0.34
CA GLU A 222 -23.47 5.69 0.33
C GLU A 222 -22.20 6.50 0.06
N ASN A 223 -22.33 7.82 0.05
CA ASN A 223 -21.20 8.71 -0.20
C ASN A 223 -20.12 8.53 0.87
N THR A 224 -20.52 8.70 2.13
CA THR A 224 -19.59 8.55 3.24
C THR A 224 -20.30 8.03 4.49
N ARG A 225 -19.95 6.82 4.90
CA ARG A 225 -20.56 6.20 6.08
C ARG A 225 -19.62 6.29 7.28
N PHE A 226 -18.56 5.49 7.25
CA PHE A 226 -17.58 5.48 8.34
C PHE A 226 -16.19 5.18 7.81
N LYS A 227 -15.23 6.02 8.18
CA LYS A 227 -13.85 5.84 7.75
C LYS A 227 -12.87 6.37 8.79
N THR A 228 -11.73 5.70 8.94
CA THR A 228 -10.72 6.10 9.90
C THR A 228 -9.42 6.50 9.20
N HIS A 229 -8.49 7.03 9.98
CA HIS A 229 -7.20 7.45 9.44
C HIS A 229 -6.06 7.03 10.35
N GLU A 230 -4.89 6.78 9.77
CA GLU A 230 -3.72 6.37 10.54
C GLU A 230 -2.44 6.68 9.78
N ALA A 231 -1.31 6.58 10.47
CA ALA A 231 -0.01 6.85 9.87
C ALA A 231 0.89 5.62 9.93
N SER A 232 1.61 5.36 8.85
CA SER A 232 2.51 4.21 8.77
C SER A 232 3.55 4.40 7.68
N LEU A 233 4.51 3.48 7.62
CA LEU A 233 5.56 3.54 6.60
C LEU A 233 5.87 2.16 6.06
N GLY A 234 6.28 2.09 4.80
CA GLY A 234 6.61 0.83 4.18
C GLY A 234 7.97 0.83 3.53
N VAL A 235 8.49 -0.35 3.22
CA VAL A 235 9.80 -0.48 2.60
C VAL A 235 9.68 -1.04 1.18
N ARG A 236 10.48 -0.53 0.26
CA ARG A 236 10.46 -0.97 -1.12
C ARG A 236 11.80 -1.61 -1.51
N TYR A 237 11.73 -2.81 -2.07
CA TYR A 237 12.93 -3.53 -2.47
C TYR A 237 12.70 -4.29 -3.77
N ARG A 238 13.77 -4.50 -4.53
CA ARG A 238 13.68 -5.21 -5.80
C ARG A 238 13.58 -6.72 -5.57
N ARG A 8 8.22 -6.05 -17.26
CA ARG A 8 7.57 -5.98 -15.95
C ARG A 8 8.58 -5.62 -14.86
N GLY A 9 8.11 -4.88 -13.85
CA GLY A 9 8.98 -4.49 -12.76
C GLY A 9 8.60 -5.13 -11.45
N PRO A 10 8.93 -6.43 -11.30
CA PRO A 10 8.62 -7.18 -10.08
C PRO A 10 9.45 -6.73 -8.88
N TYR A 11 8.85 -6.77 -7.70
CA TYR A 11 9.53 -6.36 -6.48
C TYR A 11 8.69 -6.69 -5.26
N VAL A 12 9.30 -6.54 -4.07
CA VAL A 12 8.61 -6.82 -2.83
C VAL A 12 8.80 -5.69 -1.83
N GLN A 13 7.72 -5.32 -1.14
CA GLN A 13 7.76 -4.24 -0.15
C GLN A 13 7.00 -4.63 1.11
N ALA A 14 7.44 -4.10 2.25
CA ALA A 14 6.80 -4.38 3.52
C ALA A 14 6.38 -3.09 4.23
N ASP A 15 5.45 -3.21 5.16
CA ASP A 15 4.97 -2.06 5.92
C ASP A 15 5.20 -2.24 7.41
N LEU A 16 5.75 -1.21 8.05
CA LEU A 16 6.02 -1.26 9.48
C LEU A 16 5.65 0.05 10.15
N ALA A 17 5.63 0.05 11.49
CA ALA A 17 5.31 1.24 12.25
C ALA A 17 5.99 1.24 13.61
N PRO A 55 3.81 -5.65 11.49
CA PRO A 55 4.06 -5.28 10.10
C PRO A 55 3.33 -6.17 9.11
N ARG A 56 3.32 -5.76 7.85
CA ARG A 56 2.64 -6.51 6.80
C ARG A 56 3.58 -6.78 5.63
N VAL A 57 3.35 -7.88 4.92
CA VAL A 57 4.17 -8.25 3.78
C VAL A 57 3.44 -8.00 2.46
N SER A 58 4.09 -7.26 1.58
CA SER A 58 3.50 -6.93 0.28
C SER A 58 4.45 -7.31 -0.86
N VAL A 59 3.87 -7.69 -2.00
CA VAL A 59 4.66 -8.08 -3.16
C VAL A 59 3.87 -7.87 -4.45
N GLY A 60 4.59 -7.55 -5.52
CA GLY A 60 3.94 -7.32 -6.81
C GLY A 60 4.89 -6.80 -7.85
N TYR A 61 4.35 -6.16 -8.87
CA TYR A 61 5.17 -5.60 -9.95
C TYR A 61 4.58 -4.29 -10.45
N ASP A 62 5.40 -3.52 -11.16
CA ASP A 62 4.97 -2.23 -11.70
C ASP A 62 5.35 -2.10 -13.17
N PHE A 63 4.89 -1.03 -13.81
CA PHE A 63 5.18 -0.79 -15.21
C PHE A 63 4.96 0.68 -15.57
N GLY A 64 6.04 1.45 -15.63
CA GLY A 64 5.94 2.86 -15.96
C GLY A 64 5.69 3.72 -14.74
N GLY A 65 4.45 3.72 -14.25
CA GLY A 65 4.11 4.52 -13.09
C GLY A 65 3.28 3.74 -12.08
N TRP A 66 2.11 3.28 -12.51
CA TRP A 66 1.23 2.52 -11.63
C TRP A 66 1.89 1.22 -11.18
N ARG A 67 1.75 0.91 -9.90
CA ARG A 67 2.34 -0.31 -9.35
C ARG A 67 1.27 -1.16 -8.65
N ILE A 68 1.25 -2.45 -8.95
CA ILE A 68 0.29 -3.37 -8.35
C ILE A 68 0.98 -4.42 -7.49
N ALA A 69 0.48 -4.61 -6.28
CA ALA A 69 1.05 -5.59 -5.36
C ALA A 69 0.06 -5.96 -4.27
N ALA A 70 0.04 -7.23 -3.89
CA ALA A 70 -0.86 -7.72 -2.85
C ALA A 70 -0.16 -7.75 -1.50
N ASP A 71 -0.90 -7.42 -0.45
CA ASP A 71 -0.36 -7.42 0.91
C ASP A 71 -1.08 -8.44 1.79
N TYR A 72 -0.34 -9.05 2.69
CA TYR A 72 -0.90 -10.05 3.60
C TYR A 72 -0.26 -9.95 4.98
N ALA A 73 -0.99 -10.43 5.99
CA ALA A 73 -0.49 -10.41 7.36
C ALA A 73 -1.10 -11.53 8.19
N ARG A 74 -0.33 -12.05 9.14
CA ARG A 74 -0.80 -13.14 9.99
C ARG A 74 -2.01 -12.71 10.80
N VAL A 115 -6.91 -17.98 10.97
CA VAL A 115 -7.23 -17.22 9.77
C VAL A 115 -6.03 -16.40 9.31
N SER A 116 -6.13 -15.83 8.11
CA SER A 116 -5.05 -15.03 7.55
C SER A 116 -5.60 -13.78 6.86
N SER A 117 -4.85 -12.69 6.95
CA SER A 117 -5.27 -11.43 6.33
C SER A 117 -4.71 -11.31 4.91
N LEU A 118 -5.61 -11.32 3.93
CA LEU A 118 -5.21 -11.21 2.53
C LEU A 118 -5.88 -10.02 1.87
N GLY A 119 -5.07 -9.10 1.34
CA GLY A 119 -5.60 -7.92 0.67
C GLY A 119 -4.75 -7.48 -0.49
N LEU A 120 -5.24 -6.50 -1.24
CA LEU A 120 -4.51 -5.98 -2.40
C LEU A 120 -4.11 -4.52 -2.18
N SER A 121 -3.08 -4.10 -2.89
CA SER A 121 -2.59 -2.72 -2.77
C SER A 121 -2.10 -2.20 -4.12
N ALA A 122 -2.32 -0.92 -4.36
CA ALA A 122 -1.90 -0.29 -5.61
C ALA A 122 -1.35 1.12 -5.37
N ILE A 123 -0.15 1.37 -5.86
CA ILE A 123 0.48 2.68 -5.70
C ILE A 123 0.52 3.44 -7.03
N TYR A 124 0.37 4.75 -6.96
CA TYR A 124 0.39 5.60 -8.14
C TYR A 124 1.05 6.94 -7.85
N ASP A 125 1.91 7.38 -8.77
CA ASP A 125 2.61 8.65 -8.61
C ASP A 125 3.09 9.17 -9.96
N PHE A 126 2.63 10.36 -10.33
CA PHE A 126 3.02 10.98 -11.59
C PHE A 126 3.74 12.29 -11.36
N GLN A 127 5.00 12.36 -11.81
CA GLN A 127 5.80 13.57 -11.65
C GLN A 127 7.18 13.38 -12.26
N ILE A 128 8.07 14.34 -12.00
CA ILE A 128 9.43 14.28 -12.53
C ILE A 128 10.38 13.68 -11.51
N ASN A 129 11.09 12.62 -11.92
CA ASN A 129 12.04 11.95 -11.04
C ASN A 129 13.02 12.95 -10.43
N ASP A 130 13.07 13.00 -9.11
CA ASP A 130 13.97 13.91 -8.41
C ASP A 130 13.90 13.69 -6.90
N LYS A 131 14.63 12.69 -6.42
CA LYS A 131 14.64 12.38 -4.99
C LYS A 131 13.26 11.96 -4.52
N PHE A 132 13.11 11.83 -3.20
CA PHE A 132 11.84 11.43 -2.61
C PHE A 132 10.71 12.32 -3.11
N LYS A 133 9.52 11.73 -3.26
CA LYS A 133 8.35 12.46 -3.73
C LYS A 133 7.07 11.83 -3.22
N PRO A 134 5.97 12.61 -3.22
CA PRO A 134 4.67 12.14 -2.76
C PRO A 134 4.05 11.12 -3.70
N TYR A 135 3.18 10.26 -3.16
CA TYR A 135 2.53 9.23 -3.95
C TYR A 135 1.18 8.85 -3.34
N ILE A 136 0.21 8.57 -4.20
CA ILE A 136 -1.13 8.20 -3.75
C ILE A 136 -1.54 6.85 -4.34
N GLY A 137 -2.37 6.12 -3.60
CA GLY A 137 -2.83 4.82 -4.07
C GLY A 137 -3.97 4.28 -3.23
N ALA A 138 -4.33 3.02 -3.46
CA ALA A 138 -5.41 2.39 -2.72
C ALA A 138 -4.99 1.00 -2.22
N ARG A 139 -5.80 0.43 -1.33
CA ARG A 139 -5.52 -0.88 -0.78
C ARG A 139 -6.76 -1.47 -0.12
N VAL A 140 -7.08 -2.71 -0.48
CA VAL A 140 -8.25 -3.39 0.07
C VAL A 140 -7.84 -4.57 0.94
N ALA A 141 -8.57 -4.78 2.02
CA ALA A 141 -8.28 -5.88 2.94
C ALA A 141 -9.39 -6.92 2.93
N TYR A 142 -9.01 -8.19 2.80
CA TYR A 142 -9.98 -9.27 2.76
C TYR A 142 -9.59 -10.38 3.74
N GLY A 143 -10.60 -11.01 4.34
CA GLY A 143 -10.34 -12.07 5.30
C GLY A 143 -11.27 -13.26 5.10
N HIS A 144 -10.69 -14.46 5.03
CA HIS A 144 -11.47 -15.67 4.84
C HIS A 144 -10.58 -16.91 4.97
N VAL A 145 -9.63 -16.84 5.90
CA VAL A 145 -8.72 -17.96 6.14
C VAL A 145 -7.83 -18.21 4.92
N ARG A 189 -16.21 -14.31 7.37
CA ARG A 189 -15.97 -13.57 6.15
C ARG A 189 -15.67 -12.10 6.46
N ARG A 190 -14.61 -11.58 5.86
CA ARG A 190 -14.22 -10.18 6.07
C ARG A 190 -13.93 -9.50 4.74
N VAL A 191 -14.56 -8.35 4.51
CA VAL A 191 -14.36 -7.59 3.29
C VAL A 191 -14.34 -6.08 3.58
N GLY A 192 -13.19 -5.47 3.31
CA GLY A 192 -13.06 -4.04 3.53
C GLY A 192 -12.19 -3.36 2.50
N LEU A 193 -12.45 -2.09 2.24
CA LEU A 193 -11.69 -1.32 1.26
C LEU A 193 -11.15 -0.04 1.87
N GLY A 194 -9.86 0.22 1.64
CA GLY A 194 -9.24 1.43 2.17
C GLY A 194 -8.35 2.11 1.16
N VAL A 195 -7.84 3.29 1.53
CA VAL A 195 -6.96 4.04 0.64
C VAL A 195 -5.59 4.26 1.28
N ILE A 196 -4.57 4.37 0.44
CA ILE A 196 -3.21 4.59 0.93
C ILE A 196 -2.60 5.85 0.32
N ALA A 197 -1.94 6.64 1.16
CA ALA A 197 -1.31 7.88 0.70
C ALA A 197 -0.07 8.19 1.52
N GLY A 198 1.04 8.45 0.84
CA GLY A 198 2.28 8.76 1.53
C GLY A 198 3.33 9.33 0.59
N VAL A 199 4.60 9.13 0.95
CA VAL A 199 5.70 9.63 0.14
C VAL A 199 6.80 8.57 0.01
N GLY A 200 7.42 8.51 -1.16
CA GLY A 200 8.48 7.55 -1.40
C GLY A 200 9.86 8.19 -1.40
N PHE A 201 10.87 7.40 -1.08
CA PHE A 201 12.24 7.89 -1.03
C PHE A 201 13.13 7.10 -1.99
N ASP A 202 13.86 7.83 -2.84
CA ASP A 202 14.75 7.19 -3.81
C ASP A 202 13.96 6.43 -4.86
N ILE A 203 14.24 6.71 -6.13
CA ILE A 203 13.56 6.04 -7.23
C ILE A 203 13.60 4.52 -7.06
N THR A 204 14.72 3.92 -7.43
CA THR A 204 14.89 2.48 -7.32
C THR A 204 16.35 2.09 -7.46
N PRO A 205 17.22 2.75 -6.68
CA PRO A 205 18.66 2.48 -6.69
C PRO A 205 19.01 1.11 -6.10
N LYS A 206 18.28 0.73 -5.07
CA LYS A 206 18.50 -0.56 -4.41
C LYS A 206 17.53 -0.76 -3.25
N LEU A 207 17.17 0.34 -2.59
CA LEU A 207 16.24 0.28 -1.47
C LEU A 207 15.38 1.55 -1.41
N THR A 208 14.08 1.38 -1.64
CA THR A 208 13.15 2.50 -1.61
C THR A 208 12.49 2.64 -0.24
N LEU A 209 12.25 3.87 0.17
CA LEU A 209 11.63 4.14 1.46
C LEU A 209 10.18 4.60 1.29
N ASP A 210 9.34 4.25 2.25
CA ASP A 210 7.93 4.63 2.19
C ASP A 210 7.46 5.18 3.55
N ALA A 211 6.83 6.34 3.52
CA ALA A 211 6.33 6.97 4.74
C ALA A 211 5.03 7.72 4.48
N GLY A 212 3.97 7.29 5.17
CA GLY A 212 2.68 7.93 5.00
C GLY A 212 1.59 7.27 5.83
N TYR A 213 0.34 7.55 5.50
CA TYR A 213 -0.80 6.99 6.23
C TYR A 213 -1.84 6.45 5.27
N ARG A 214 -2.77 5.65 5.79
CA ARG A 214 -3.82 5.06 4.98
C ARG A 214 -5.13 4.97 5.77
N TYR A 215 -6.25 4.96 5.06
CA TYR A 215 -7.55 4.87 5.71
C TYR A 215 -8.23 3.54 5.39
N HIS A 216 -9.02 3.05 6.32
CA HIS A 216 -9.73 1.79 6.13
C HIS A 216 -11.24 1.99 6.19
N ASN A 217 -11.92 1.67 5.09
CA ASN A 217 -13.36 1.82 5.00
C ASN A 217 -14.06 0.47 5.02
N TRP A 218 -14.98 0.28 5.97
CA TRP A 218 -15.71 -0.97 6.09
C TRP A 218 -16.36 -1.34 4.77
N GLY A 219 -16.94 -0.35 4.09
CA GLY A 219 -17.60 -0.59 2.82
C GLY A 219 -17.94 0.68 2.09
N ARG A 220 -18.62 0.55 0.96
CA ARG A 220 -19.01 1.71 0.17
C ARG A 220 -20.41 2.20 0.55
N LEU A 221 -21.42 1.44 0.14
CA LEU A 221 -22.81 1.79 0.43
C LEU A 221 -23.14 3.18 -0.08
N GLU A 222 -24.36 3.64 0.19
CA GLU A 222 -24.80 4.95 -0.24
C GLU A 222 -23.83 6.03 0.22
N ASN A 223 -23.53 6.03 1.52
CA ASN A 223 -22.61 7.01 2.09
C ASN A 223 -21.73 6.37 3.16
N THR A 224 -20.57 6.97 3.40
CA THR A 224 -19.63 6.46 4.40
C THR A 224 -20.33 6.26 5.75
N ARG A 225 -19.96 5.18 6.44
CA ARG A 225 -20.54 4.88 7.74
C ARG A 225 -19.47 4.83 8.81
N PHE A 226 -18.39 4.12 8.53
CA PHE A 226 -17.29 3.98 9.47
C PHE A 226 -15.95 3.85 8.74
N LYS A 227 -15.00 4.69 9.12
CA LYS A 227 -13.67 4.67 8.49
C LYS A 227 -12.59 5.03 9.51
N THR A 228 -11.45 4.38 9.39
CA THR A 228 -10.32 4.62 10.30
C THR A 228 -9.12 5.17 9.54
N HIS A 229 -8.12 5.62 10.29
CA HIS A 229 -6.91 6.16 9.70
C HIS A 229 -5.68 5.82 10.54
N GLU A 230 -4.59 5.42 9.88
CA GLU A 230 -3.37 5.06 10.57
C GLU A 230 -2.15 5.51 9.77
N ALA A 231 -1.05 5.76 10.48
CA ALA A 231 0.19 6.20 9.85
C ALA A 231 1.32 5.21 10.10
N SER A 232 2.13 4.98 9.07
CA SER A 232 3.25 4.05 9.18
C SER A 232 4.21 4.22 8.00
N LEU A 233 5.35 3.52 8.07
CA LEU A 233 6.35 3.59 7.02
C LEU A 233 6.81 2.19 6.61
N GLY A 234 7.00 1.99 5.31
CA GLY A 234 7.44 0.70 4.82
C GLY A 234 8.66 0.81 3.92
N VAL A 235 9.13 -0.33 3.43
CA VAL A 235 10.30 -0.36 2.55
C VAL A 235 10.01 -1.16 1.28
N ARG A 236 10.40 -0.60 0.14
CA ARG A 236 10.19 -1.26 -1.14
C ARG A 236 11.51 -1.58 -1.82
N TYR A 237 11.73 -2.85 -2.11
CA TYR A 237 12.97 -3.29 -2.77
C TYR A 237 12.69 -4.34 -3.83
N ARG A 238 13.56 -4.44 -4.81
CA ARG A 238 13.41 -5.40 -5.89
C ARG A 238 13.89 -6.79 -5.46
N ARG A 8 8.17 -6.31 -17.14
CA ARG A 8 7.50 -5.69 -16.00
C ARG A 8 8.51 -5.31 -14.91
N GLY A 9 8.03 -4.61 -13.89
CA GLY A 9 8.91 -4.21 -12.80
C GLY A 9 8.55 -4.89 -11.49
N PRO A 10 8.92 -6.18 -11.38
CA PRO A 10 8.64 -6.97 -10.17
C PRO A 10 9.48 -6.52 -8.98
N TYR A 11 8.82 -6.35 -7.84
CA TYR A 11 9.51 -5.91 -6.62
C TYR A 11 8.71 -6.32 -5.38
N VAL A 12 9.38 -6.29 -4.23
CA VAL A 12 8.74 -6.65 -2.97
C VAL A 12 9.03 -5.61 -1.89
N GLN A 13 7.97 -5.07 -1.29
CA GLN A 13 8.11 -4.08 -0.24
C GLN A 13 7.39 -4.51 1.03
N ALA A 14 7.88 -4.05 2.18
CA ALA A 14 7.29 -4.38 3.47
C ALA A 14 6.72 -3.15 4.15
N ASP A 15 5.76 -3.37 5.04
CA ASP A 15 5.13 -2.26 5.76
C ASP A 15 5.30 -2.44 7.26
N LEU A 16 5.63 -1.36 7.96
CA LEU A 16 5.82 -1.40 9.40
C LEU A 16 5.23 -0.15 10.07
N ALA A 17 4.73 -0.31 11.28
CA ALA A 17 4.14 0.80 12.02
C ALA A 17 5.16 1.41 12.99
N PRO A 55 4.45 -6.48 11.28
CA PRO A 55 4.90 -6.13 9.92
C PRO A 55 4.14 -6.89 8.85
N ARG A 56 3.87 -6.23 7.73
CA ARG A 56 3.16 -6.84 6.62
C ARG A 56 4.07 -7.03 5.42
N VAL A 57 3.85 -8.10 4.68
CA VAL A 57 4.65 -8.41 3.50
C VAL A 57 3.89 -8.05 2.22
N SER A 58 4.48 -7.18 1.42
CA SER A 58 3.86 -6.75 0.16
C SER A 58 4.74 -7.12 -1.03
N VAL A 59 4.12 -7.63 -2.09
CA VAL A 59 4.85 -8.00 -3.29
C VAL A 59 4.01 -7.78 -4.54
N GLY A 60 4.67 -7.39 -5.63
CA GLY A 60 3.96 -7.14 -6.87
C GLY A 60 4.87 -6.65 -7.97
N TYR A 61 4.29 -5.99 -8.98
CA TYR A 61 5.07 -5.46 -10.09
C TYR A 61 4.54 -4.10 -10.52
N ASP A 62 5.37 -3.35 -11.24
CA ASP A 62 4.99 -2.02 -11.71
C ASP A 62 5.30 -1.87 -13.20
N PHE A 63 4.72 -0.84 -13.81
CA PHE A 63 4.93 -0.58 -15.23
C PHE A 63 4.95 0.91 -15.52
N GLY A 64 5.99 1.60 -15.02
CA GLY A 64 6.11 3.03 -15.23
C GLY A 64 4.86 3.78 -14.79
N GLY A 65 4.82 4.18 -13.52
CA GLY A 65 3.68 4.90 -13.01
C GLY A 65 2.81 4.05 -12.11
N TRP A 66 1.87 3.33 -12.72
CA TRP A 66 0.97 2.47 -11.96
C TRP A 66 1.69 1.24 -11.44
N ARG A 67 1.43 0.89 -10.19
CA ARG A 67 2.06 -0.28 -9.56
C ARG A 67 1.05 -1.10 -8.79
N ILE A 68 1.09 -2.41 -8.98
CA ILE A 68 0.17 -3.31 -8.29
C ILE A 68 0.93 -4.34 -7.46
N ALA A 69 0.46 -4.55 -6.22
CA ALA A 69 1.09 -5.50 -5.32
C ALA A 69 0.14 -5.91 -4.20
N ALA A 70 0.18 -7.19 -3.83
CA ALA A 70 -0.67 -7.71 -2.77
C ALA A 70 0.07 -7.74 -1.44
N ASP A 71 -0.67 -7.55 -0.36
CA ASP A 71 -0.10 -7.56 0.99
C ASP A 71 -0.69 -8.70 1.83
N TYR A 72 0.15 -9.29 2.67
CA TYR A 72 -0.29 -10.39 3.52
C TYR A 72 0.33 -10.28 4.91
N ALA A 73 -0.42 -10.73 5.92
CA ALA A 73 0.05 -10.68 7.30
C ALA A 73 -0.73 -11.63 8.18
N ARG A 74 -0.17 -11.96 9.34
CA ARG A 74 -0.83 -12.87 10.27
C ARG A 74 -1.19 -12.14 11.57
N VAL A 115 -7.00 -18.82 10.10
CA VAL A 115 -7.28 -17.63 9.30
C VAL A 115 -6.03 -16.78 9.11
N SER A 116 -6.06 -15.91 8.10
CA SER A 116 -4.92 -15.05 7.81
C SER A 116 -5.39 -13.76 7.14
N SER A 117 -4.50 -12.76 7.12
CA SER A 117 -4.82 -11.48 6.52
C SER A 117 -4.27 -11.40 5.09
N LEU A 118 -5.19 -11.28 4.12
CA LEU A 118 -4.79 -11.21 2.72
C LEU A 118 -5.55 -10.08 2.02
N GLY A 119 -4.80 -9.17 1.38
CA GLY A 119 -5.42 -8.07 0.67
C GLY A 119 -4.58 -7.59 -0.49
N LEU A 120 -5.14 -6.68 -1.29
CA LEU A 120 -4.43 -6.14 -2.45
C LEU A 120 -4.19 -4.64 -2.29
N SER A 121 -3.06 -4.18 -2.83
CA SER A 121 -2.71 -2.77 -2.75
C SER A 121 -2.23 -2.24 -4.10
N ALA A 122 -2.84 -1.15 -4.54
CA ALA A 122 -2.49 -0.54 -5.82
C ALA A 122 -2.08 0.91 -5.65
N ILE A 123 -0.85 1.23 -6.06
CA ILE A 123 -0.34 2.60 -5.95
C ILE A 123 -0.25 3.26 -7.32
N TYR A 124 -0.40 4.58 -7.34
CA TYR A 124 -0.33 5.34 -8.58
C TYR A 124 0.39 6.66 -8.37
N ASP A 125 1.00 7.17 -9.43
CA ASP A 125 1.73 8.44 -9.37
C ASP A 125 1.63 9.19 -10.69
N PHE A 126 1.88 10.49 -10.64
CA PHE A 126 1.82 11.32 -11.85
C PHE A 126 3.23 11.66 -12.35
N GLN A 127 3.91 12.53 -11.63
CA GLN A 127 5.27 12.94 -12.00
C GLN A 127 6.30 12.25 -11.12
N ILE A 128 7.58 12.49 -11.42
CA ILE A 128 8.66 11.90 -10.65
C ILE A 128 9.59 12.97 -10.10
N ASN A 129 10.19 12.69 -8.94
CA ASN A 129 11.11 13.64 -8.30
C ASN A 129 12.46 12.99 -8.06
N ASP A 130 13.34 13.71 -7.37
CA ASP A 130 14.67 13.21 -7.06
C ASP A 130 14.65 12.36 -5.80
N LYS A 131 14.25 12.96 -4.70
CA LYS A 131 14.18 12.25 -3.41
C LYS A 131 12.74 12.05 -2.98
N PHE A 132 12.10 13.15 -2.56
CA PHE A 132 10.71 13.10 -2.11
C PHE A 132 9.78 12.77 -3.27
N LYS A 133 9.44 11.50 -3.40
CA LYS A 133 8.54 11.04 -4.47
C LYS A 133 7.16 10.72 -3.92
N PRO A 134 6.17 11.53 -4.28
CA PRO A 134 4.78 11.35 -3.85
C PRO A 134 4.13 10.12 -4.48
N TYR A 135 3.27 9.46 -3.71
CA TYR A 135 2.58 8.26 -4.19
C TYR A 135 1.20 8.13 -3.55
N ILE A 136 0.20 7.80 -4.37
CA ILE A 136 -1.16 7.63 -3.88
C ILE A 136 -1.92 6.62 -4.72
N GLY A 137 -2.77 5.83 -4.06
CA GLY A 137 -3.56 4.83 -4.76
C GLY A 137 -4.67 4.27 -3.91
N ALA A 138 -5.08 3.04 -4.21
CA ALA A 138 -6.14 2.38 -3.46
C ALA A 138 -5.65 1.08 -2.84
N ARG A 139 -6.32 0.66 -1.78
CA ARG A 139 -5.95 -0.58 -1.07
C ARG A 139 -7.19 -1.29 -0.55
N VAL A 140 -7.09 -2.62 -0.44
CA VAL A 140 -8.20 -3.43 0.06
C VAL A 140 -7.70 -4.61 0.87
N ALA A 141 -8.30 -4.83 2.03
CA ALA A 141 -7.92 -5.94 2.90
C ALA A 141 -9.03 -6.96 3.00
N TYR A 142 -8.66 -8.24 2.95
CA TYR A 142 -9.64 -9.32 3.03
C TYR A 142 -9.22 -10.36 4.08
N GLY A 143 -10.20 -10.91 4.78
CA GLY A 143 -9.91 -11.91 5.80
C GLY A 143 -10.90 -13.05 5.78
N HIS A 144 -10.43 -14.22 5.36
CA HIS A 144 -11.29 -15.41 5.30
C HIS A 144 -10.48 -16.64 4.93
N VAL A 145 -9.76 -17.20 5.91
CA VAL A 145 -8.95 -18.38 5.68
C VAL A 145 -7.80 -18.09 4.71
N ARG A 189 -14.58 -13.70 9.66
CA ARG A 189 -14.62 -13.09 8.34
C ARG A 189 -14.59 -11.57 8.45
N ARG A 190 -13.68 -10.94 7.70
CA ARG A 190 -13.55 -9.49 7.71
C ARG A 190 -13.25 -8.97 6.31
N VAL A 191 -13.86 -7.84 5.96
CA VAL A 191 -13.64 -7.23 4.65
C VAL A 191 -13.58 -5.71 4.75
N GLY A 192 -12.54 -5.13 4.17
CA GLY A 192 -12.38 -3.68 4.21
C GLY A 192 -11.68 -3.14 2.98
N LEU A 193 -11.88 -1.86 2.70
CA LEU A 193 -11.27 -1.22 1.54
C LEU A 193 -11.17 0.29 1.74
N GLY A 194 -10.17 0.89 1.10
CA GLY A 194 -9.98 2.33 1.22
C GLY A 194 -8.90 2.84 0.29
N VAL A 195 -8.28 3.97 0.68
CA VAL A 195 -7.22 4.56 -0.12
C VAL A 195 -5.93 4.68 0.68
N ILE A 196 -4.82 4.88 -0.03
CA ILE A 196 -3.52 5.01 0.62
C ILE A 196 -2.74 6.20 0.05
N ALA A 197 -2.09 6.94 0.93
CA ALA A 197 -1.31 8.10 0.52
C ALA A 197 0.01 8.17 1.29
N GLY A 198 1.11 8.33 0.55
CA GLY A 198 2.42 8.40 1.17
C GLY A 198 3.50 8.83 0.20
N VAL A 199 4.72 9.01 0.71
CA VAL A 199 5.85 9.42 -0.12
C VAL A 199 7.00 8.43 -0.01
N GLY A 200 7.98 8.57 -0.89
CA GLY A 200 9.12 7.68 -0.88
C GLY A 200 10.44 8.43 -0.89
N PHE A 201 11.43 7.89 -0.18
CA PHE A 201 12.74 8.52 -0.10
C PHE A 201 13.82 7.60 -0.69
N ASP A 202 14.80 8.21 -1.34
CA ASP A 202 15.89 7.44 -1.95
C ASP A 202 17.07 7.32 -0.99
N ILE A 203 16.82 6.76 0.19
CA ILE A 203 17.85 6.59 1.20
C ILE A 203 19.06 5.85 0.62
N THR A 204 18.80 4.89 -0.27
CA THR A 204 19.87 4.13 -0.90
C THR A 204 19.34 3.32 -2.09
N PRO A 205 20.26 2.92 -2.98
CA PRO A 205 19.91 2.15 -4.17
C PRO A 205 19.47 0.72 -3.84
N LYS A 206 20.09 0.15 -2.81
CA LYS A 206 19.78 -1.21 -2.39
C LYS A 206 18.28 -1.35 -2.10
N LEU A 207 17.73 -0.42 -1.32
CA LEU A 207 16.33 -0.44 -0.97
C LEU A 207 15.77 0.97 -0.86
N THR A 208 14.48 1.13 -1.20
CA THR A 208 13.84 2.43 -1.13
C THR A 208 13.03 2.58 0.15
N LEU A 209 12.90 3.81 0.63
CA LEU A 209 12.15 4.10 1.85
C LEU A 209 10.77 4.65 1.52
N ASP A 210 9.79 4.34 2.36
CA ASP A 210 8.43 4.82 2.16
C ASP A 210 7.77 5.17 3.50
N ALA A 211 6.99 6.23 3.50
CA ALA A 211 6.30 6.67 4.71
C ALA A 211 5.09 7.52 4.38
N GLY A 212 3.96 7.20 5.01
CA GLY A 212 2.74 7.94 4.76
C GLY A 212 1.58 7.43 5.60
N TYR A 213 0.37 7.85 5.23
CA TYR A 213 -0.83 7.44 5.96
C TYR A 213 -1.75 6.60 5.07
N ARG A 214 -2.54 5.74 5.70
CA ARG A 214 -3.46 4.87 4.96
C ARG A 214 -4.87 4.95 5.55
N TYR A 215 -5.86 5.15 4.69
CA TYR A 215 -7.24 5.25 5.12
C TYR A 215 -8.05 4.06 4.62
N HIS A 216 -8.53 3.25 5.56
CA HIS A 216 -9.34 2.07 5.22
C HIS A 216 -10.73 2.17 5.81
N ASN A 217 -11.74 1.96 4.97
CA ASN A 217 -13.13 2.03 5.41
C ASN A 217 -13.76 0.65 5.46
N TRP A 218 -14.69 0.46 6.39
CA TRP A 218 -15.37 -0.84 6.54
C TRP A 218 -16.20 -1.16 5.30
N GLY A 219 -17.00 -0.18 4.86
CA GLY A 219 -17.84 -0.39 3.69
C GLY A 219 -18.95 0.63 3.60
N ARG A 220 -18.73 1.70 2.85
CA ARG A 220 -19.73 2.74 2.68
C ARG A 220 -20.24 2.79 1.25
N LEU A 221 -21.56 2.95 1.10
CA LEU A 221 -22.17 3.01 -0.23
C LEU A 221 -23.49 3.77 -0.18
N GLU A 222 -24.37 3.35 0.72
CA GLU A 222 -25.68 3.99 0.87
C GLU A 222 -25.90 4.44 2.31
N ASN A 223 -25.43 3.63 3.26
CA ASN A 223 -25.58 3.95 4.68
C ASN A 223 -24.33 4.63 5.21
N THR A 224 -24.26 4.79 6.53
CA THR A 224 -23.13 5.43 7.18
C THR A 224 -22.36 4.44 8.05
N ARG A 225 -21.28 3.90 7.51
CA ARG A 225 -20.45 2.93 8.24
C ARG A 225 -19.33 3.64 8.98
N PHE A 226 -18.40 2.85 9.52
CA PHE A 226 -17.27 3.40 10.27
C PHE A 226 -16.05 3.53 9.36
N LYS A 227 -15.24 4.56 9.62
CA LYS A 227 -14.03 4.80 8.84
C LYS A 227 -12.79 4.59 9.69
N THR A 228 -11.73 4.07 9.06
CA THR A 228 -10.48 3.81 9.76
C THR A 228 -9.31 4.51 9.07
N HIS A 229 -8.36 4.99 9.85
CA HIS A 229 -7.19 5.67 9.32
C HIS A 229 -6.00 5.55 10.26
N GLU A 230 -4.82 5.28 9.69
CA GLU A 230 -3.61 5.12 10.49
C GLU A 230 -2.39 5.55 9.69
N ALA A 231 -1.25 5.70 10.38
CA ALA A 231 -0.02 6.10 9.73
C ALA A 231 1.07 5.05 9.92
N SER A 232 1.90 4.87 8.89
CA SER A 232 2.97 3.88 8.95
C SER A 232 3.97 4.11 7.82
N LEU A 233 5.07 3.36 7.86
CA LEU A 233 6.12 3.49 6.84
C LEU A 233 6.66 2.12 6.44
N GLY A 234 7.05 1.98 5.18
CA GLY A 234 7.58 0.72 4.70
C GLY A 234 8.84 0.90 3.87
N VAL A 235 9.26 -0.17 3.19
CA VAL A 235 10.45 -0.12 2.36
C VAL A 235 10.32 -1.05 1.15
N ARG A 236 10.96 -0.68 0.06
CA ARG A 236 10.93 -1.48 -1.16
C ARG A 236 12.27 -2.15 -1.42
N TYR A 237 12.23 -3.45 -1.69
CA TYR A 237 13.45 -4.21 -1.97
C TYR A 237 13.22 -5.24 -3.06
N ARG A 238 14.31 -5.71 -3.66
CA ARG A 238 14.23 -6.70 -4.73
C ARG A 238 14.16 -8.11 -4.16
N ARG A 8 10.09 -1.13 -11.91
CA ARG A 8 10.35 -1.56 -13.27
C ARG A 8 10.42 -3.08 -13.36
N GLY A 9 9.36 -3.74 -12.87
CA GLY A 9 9.32 -5.19 -12.90
C GLY A 9 8.86 -5.78 -11.59
N PRO A 10 9.05 -7.10 -11.42
CA PRO A 10 8.66 -7.82 -10.22
C PRO A 10 9.54 -7.45 -9.02
N TYR A 11 8.94 -7.42 -7.84
CA TYR A 11 9.66 -7.08 -6.62
C TYR A 11 8.79 -7.34 -5.39
N VAL A 12 9.41 -7.22 -4.21
CA VAL A 12 8.69 -7.44 -2.95
C VAL A 12 8.87 -6.25 -2.01
N GLN A 13 7.78 -5.87 -1.35
CA GLN A 13 7.82 -4.74 -0.42
C GLN A 13 7.20 -5.13 0.93
N ALA A 14 7.72 -4.55 2.00
CA ALA A 14 7.21 -4.83 3.34
C ALA A 14 6.58 -3.59 3.95
N ASP A 15 5.73 -3.79 4.96
CA ASP A 15 5.06 -2.68 5.64
C ASP A 15 5.38 -2.70 7.12
N LEU A 16 5.74 -1.52 7.65
CA LEU A 16 6.07 -1.40 9.07
C LEU A 16 5.51 -0.10 9.64
N ALA A 17 5.26 -0.10 10.95
CA ALA A 17 4.74 1.08 11.62
C ALA A 17 5.79 1.76 12.48
N PRO A 55 4.85 -6.32 11.52
CA PRO A 55 5.02 -5.93 10.12
C PRO A 55 4.24 -6.83 9.16
N ARG A 56 4.11 -6.39 7.91
CA ARG A 56 3.39 -7.16 6.90
C ARG A 56 4.27 -7.42 5.68
N VAL A 57 3.97 -8.49 4.96
CA VAL A 57 4.72 -8.85 3.77
C VAL A 57 3.89 -8.67 2.51
N SER A 58 4.37 -7.83 1.60
CA SER A 58 3.67 -7.57 0.35
C SER A 58 4.56 -7.88 -0.85
N VAL A 59 3.93 -8.23 -1.97
CA VAL A 59 4.66 -8.56 -3.19
C VAL A 59 3.90 -8.10 -4.43
N GLY A 60 4.63 -7.75 -5.48
CA GLY A 60 4.01 -7.31 -6.71
C GLY A 60 5.02 -6.84 -7.73
N TYR A 61 4.55 -6.03 -8.68
CA TYR A 61 5.43 -5.50 -9.73
C TYR A 61 5.08 -4.05 -10.06
N ASP A 62 6.00 -3.36 -10.71
CA ASP A 62 5.79 -1.96 -11.10
C ASP A 62 6.30 -1.70 -12.51
N PHE A 63 5.37 -1.56 -13.45
CA PHE A 63 5.72 -1.30 -14.84
C PHE A 63 6.23 0.12 -15.02
N GLY A 64 5.30 1.09 -14.97
CA GLY A 64 5.67 2.48 -15.14
C GLY A 64 4.61 3.43 -14.63
N GLY A 65 4.95 4.22 -13.63
CA GLY A 65 4.00 5.17 -13.06
C GLY A 65 3.09 4.53 -12.04
N TRP A 66 2.39 3.47 -12.45
CA TRP A 66 1.48 2.77 -11.55
C TRP A 66 2.08 1.46 -11.07
N ARG A 67 2.07 1.25 -9.76
CA ARG A 67 2.61 0.03 -9.18
C ARG A 67 1.51 -0.82 -8.56
N ILE A 68 1.64 -2.13 -8.69
CA ILE A 68 0.65 -3.06 -8.14
C ILE A 68 1.32 -4.12 -7.27
N ALA A 69 0.77 -4.35 -6.09
CA ALA A 69 1.30 -5.34 -5.17
C ALA A 69 0.31 -5.66 -4.05
N ALA A 70 0.20 -6.93 -3.70
CA ALA A 70 -0.70 -7.36 -2.65
C ALA A 70 0.01 -7.44 -1.30
N ASP A 71 -0.76 -7.36 -0.22
CA ASP A 71 -0.20 -7.43 1.12
C ASP A 71 -0.74 -8.65 1.87
N TYR A 72 0.09 -9.20 2.75
CA TYR A 72 -0.30 -10.37 3.54
C TYR A 72 0.25 -10.27 4.95
N ALA A 73 -0.56 -10.68 5.92
CA ALA A 73 -0.16 -10.65 7.33
C ALA A 73 -0.98 -11.63 8.15
N ARG A 74 -0.59 -11.81 9.41
CA ARG A 74 -1.29 -12.72 10.31
C ARG A 74 -1.22 -14.15 9.78
N VAL A 115 -6.60 -18.30 10.73
CA VAL A 115 -7.01 -17.24 9.84
C VAL A 115 -5.81 -16.51 9.25
N SER A 116 -6.05 -15.72 8.21
CA SER A 116 -4.98 -14.97 7.55
C SER A 116 -5.52 -13.70 6.91
N SER A 117 -4.69 -12.67 6.86
CA SER A 117 -5.08 -11.39 6.27
C SER A 117 -4.45 -11.21 4.90
N LEU A 118 -5.28 -11.15 3.87
CA LEU A 118 -4.81 -10.97 2.50
C LEU A 118 -5.56 -9.82 1.81
N GLY A 119 -4.79 -8.89 1.26
CA GLY A 119 -5.39 -7.76 0.57
C GLY A 119 -4.60 -7.32 -0.64
N LEU A 120 -5.16 -6.40 -1.41
CA LEU A 120 -4.50 -5.90 -2.62
C LEU A 120 -4.16 -4.43 -2.49
N SER A 121 -2.92 -4.07 -2.81
CA SER A 121 -2.47 -2.69 -2.73
C SER A 121 -2.11 -2.15 -4.11
N ALA A 122 -2.48 -0.90 -4.36
CA ALA A 122 -2.20 -0.26 -5.64
C ALA A 122 -1.75 1.18 -5.46
N ILE A 123 -0.56 1.49 -5.95
CA ILE A 123 -0.01 2.84 -5.84
C ILE A 123 0.01 3.54 -7.18
N TYR A 124 -0.24 4.85 -7.17
CA TYR A 124 -0.25 5.65 -8.40
C TYR A 124 0.44 6.99 -8.18
N ASP A 125 1.05 7.51 -9.24
CA ASP A 125 1.74 8.79 -9.17
C ASP A 125 1.78 9.47 -10.53
N PHE A 126 1.91 10.79 -10.53
CA PHE A 126 1.95 11.55 -11.77
C PHE A 126 3.38 11.95 -12.13
N GLN A 127 4.04 11.11 -12.93
CA GLN A 127 5.41 11.37 -13.34
C GLN A 127 6.31 11.56 -12.13
N ILE A 128 6.92 10.46 -11.68
CA ILE A 128 7.82 10.48 -10.53
C ILE A 128 9.20 9.95 -10.90
N ASN A 129 10.23 10.71 -10.56
CA ASN A 129 11.60 10.32 -10.85
C ASN A 129 12.59 11.33 -10.27
N ASP A 130 12.32 11.80 -9.06
CA ASP A 130 13.18 12.77 -8.41
C ASP A 130 13.59 12.29 -7.02
N LYS A 131 13.81 10.98 -6.90
CA LYS A 131 14.21 10.39 -5.63
C LYS A 131 13.06 10.43 -4.62
N PHE A 132 12.80 11.62 -4.08
CA PHE A 132 11.74 11.80 -3.11
C PHE A 132 10.56 12.55 -3.73
N LYS A 133 9.40 11.90 -3.76
CA LYS A 133 8.19 12.50 -4.32
C LYS A 133 6.94 11.91 -3.69
N PRO A 134 5.82 12.63 -3.81
CA PRO A 134 4.53 12.19 -3.26
C PRO A 134 3.96 10.99 -4.00
N TYR A 135 2.99 10.34 -3.38
CA TYR A 135 2.35 9.16 -3.98
C TYR A 135 0.93 8.97 -3.45
N ILE A 136 0.05 8.50 -4.32
CA ILE A 136 -1.34 8.27 -3.93
C ILE A 136 -1.87 6.99 -4.55
N GLY A 137 -2.58 6.20 -3.75
CA GLY A 137 -3.15 4.95 -4.24
C GLY A 137 -4.21 4.40 -3.32
N ALA A 138 -4.63 3.17 -3.58
CA ALA A 138 -5.66 2.52 -2.77
C ALA A 138 -5.14 1.23 -2.14
N ARG A 139 -5.93 0.65 -1.25
CA ARG A 139 -5.54 -0.58 -0.57
C ARG A 139 -6.77 -1.31 -0.03
N VAL A 140 -7.00 -2.52 -0.54
CA VAL A 140 -8.14 -3.32 -0.09
C VAL A 140 -7.69 -4.48 0.79
N ALA A 141 -8.42 -4.70 1.88
CA ALA A 141 -8.10 -5.79 2.80
C ALA A 141 -9.18 -6.85 2.80
N TYR A 142 -8.77 -8.11 2.69
CA TYR A 142 -9.71 -9.22 2.66
C TYR A 142 -9.31 -10.30 3.67
N GLY A 143 -10.31 -10.90 4.31
CA GLY A 143 -10.04 -11.93 5.29
C GLY A 143 -11.07 -13.04 5.26
N HIS A 144 -10.59 -14.28 5.19
CA HIS A 144 -11.48 -15.44 5.14
C HIS A 144 -10.68 -16.75 5.16
N VAL A 145 -11.38 -17.86 5.05
CA VAL A 145 -10.74 -19.17 5.04
C VAL A 145 -11.10 -19.96 3.79
N ARG A 189 -17.22 -14.05 5.54
CA ARG A 189 -16.06 -13.46 4.88
C ARG A 189 -15.93 -11.98 5.20
N ARG A 190 -14.75 -11.58 5.65
CA ARG A 190 -14.50 -10.18 6.00
C ARG A 190 -13.91 -9.42 4.82
N VAL A 191 -14.61 -8.38 4.39
CA VAL A 191 -14.16 -7.57 3.26
C VAL A 191 -14.08 -6.09 3.64
N GLY A 192 -12.96 -5.46 3.30
CA GLY A 192 -12.77 -4.06 3.61
C GLY A 192 -12.01 -3.32 2.52
N LEU A 193 -12.31 -2.03 2.37
CA LEU A 193 -11.64 -1.21 1.36
C LEU A 193 -11.09 0.06 1.98
N GLY A 194 -9.82 0.36 1.70
CA GLY A 194 -9.20 1.55 2.23
C GLY A 194 -8.37 2.29 1.19
N VAL A 195 -7.78 3.40 1.60
CA VAL A 195 -6.95 4.20 0.70
C VAL A 195 -5.61 4.52 1.33
N ILE A 196 -4.58 4.67 0.49
CA ILE A 196 -3.24 4.99 0.96
C ILE A 196 -2.67 6.19 0.23
N ALA A 197 -1.86 6.98 0.92
CA ALA A 197 -1.24 8.17 0.34
C ALA A 197 -0.17 8.74 1.25
N GLY A 198 0.80 9.43 0.66
CA GLY A 198 1.88 10.01 1.45
C GLY A 198 3.06 10.43 0.59
N VAL A 199 4.26 10.26 1.13
CA VAL A 199 5.48 10.62 0.41
C VAL A 199 6.44 9.44 0.34
N GLY A 200 7.03 9.23 -0.85
CA GLY A 200 7.97 8.14 -1.02
C GLY A 200 9.38 8.63 -1.26
N PHE A 201 10.34 7.98 -0.61
CA PHE A 201 11.75 8.35 -0.76
C PHE A 201 12.55 7.22 -1.39
N ASP A 202 13.27 7.54 -2.46
CA ASP A 202 14.08 6.55 -3.16
C ASP A 202 15.57 6.82 -2.96
N ILE A 203 16.05 6.55 -1.75
CA ILE A 203 17.46 6.77 -1.43
C ILE A 203 18.37 6.02 -2.41
N THR A 204 17.94 4.85 -2.82
CA THR A 204 18.71 4.03 -3.76
C THR A 204 17.81 3.10 -4.55
N PRO A 205 18.31 2.62 -5.70
CA PRO A 205 17.56 1.71 -6.57
C PRO A 205 17.40 0.32 -5.95
N LYS A 206 18.41 -0.11 -5.20
CA LYS A 206 18.38 -1.41 -4.55
C LYS A 206 17.17 -1.54 -3.63
N LEU A 207 17.00 -0.55 -2.76
CA LEU A 207 15.88 -0.55 -1.83
C LEU A 207 15.23 0.83 -1.74
N THR A 208 13.91 0.86 -1.60
CA THR A 208 13.19 2.12 -1.50
C THR A 208 12.49 2.26 -0.15
N LEU A 209 12.36 3.49 0.33
CA LEU A 209 11.72 3.75 1.61
C LEU A 209 10.65 4.83 1.46
N ASP A 210 9.39 4.43 1.61
CA ASP A 210 8.27 5.36 1.50
C ASP A 210 7.46 5.39 2.80
N ALA A 211 6.96 6.57 3.15
CA ALA A 211 6.16 6.73 4.36
C ALA A 211 4.91 7.56 4.10
N GLY A 212 3.82 7.20 4.77
CA GLY A 212 2.58 7.93 4.59
C GLY A 212 1.46 7.39 5.46
N TYR A 213 0.24 7.79 5.18
CA TYR A 213 -0.93 7.35 5.94
C TYR A 213 -1.94 6.66 5.04
N ARG A 214 -2.88 5.94 5.66
CA ARG A 214 -3.91 5.24 4.91
C ARG A 214 -5.16 5.06 5.76
N TYR A 215 -6.33 5.13 5.12
CA TYR A 215 -7.60 4.97 5.83
C TYR A 215 -8.23 3.61 5.50
N HIS A 216 -8.96 3.07 6.48
CA HIS A 216 -9.63 1.78 6.30
C HIS A 216 -11.14 1.93 6.41
N ASN A 217 -11.84 1.58 5.34
CA ASN A 217 -13.30 1.68 5.30
C ASN A 217 -13.93 0.29 5.34
N TRP A 218 -14.78 0.06 6.33
CA TRP A 218 -15.45 -1.23 6.48
C TRP A 218 -16.33 -1.52 5.27
N GLY A 219 -17.02 -0.49 4.77
CA GLY A 219 -17.89 -0.66 3.62
C GLY A 219 -18.98 -1.69 3.87
N ARG A 220 -19.52 -1.69 5.08
CA ARG A 220 -20.59 -2.63 5.43
C ARG A 220 -21.95 -1.96 5.35
N LEU A 221 -22.93 -2.68 4.83
CA LEU A 221 -24.29 -2.16 4.69
C LEU A 221 -25.12 -2.48 5.94
N GLU A 222 -24.97 -1.64 6.97
CA GLU A 222 -25.71 -1.83 8.21
C GLU A 222 -25.82 -0.52 8.98
N ASN A 223 -24.68 0.10 9.25
CA ASN A 223 -24.64 1.37 9.98
C ASN A 223 -23.97 2.45 9.15
N THR A 224 -23.83 3.63 9.74
CA THR A 224 -23.21 4.76 9.06
C THR A 224 -21.81 4.39 8.54
N ARG A 225 -21.33 5.14 7.57
CA ARG A 225 -20.02 4.90 6.98
C ARG A 225 -18.92 5.02 8.05
N PHE A 226 -18.44 3.89 8.54
CA PHE A 226 -17.39 3.88 9.55
C PHE A 226 -16.03 3.60 8.93
N LYS A 227 -15.05 4.43 9.24
CA LYS A 227 -13.71 4.27 8.71
C LYS A 227 -12.66 4.70 9.73
N THR A 228 -11.43 4.25 9.54
CA THR A 228 -10.34 4.58 10.45
C THR A 228 -9.14 5.15 9.69
N HIS A 229 -8.16 5.65 10.44
CA HIS A 229 -6.96 6.23 9.84
C HIS A 229 -5.71 5.79 10.59
N GLU A 230 -4.69 5.39 9.84
CA GLU A 230 -3.44 4.95 10.45
C GLU A 230 -2.24 5.43 9.62
N ALA A 231 -1.08 5.49 10.26
CA ALA A 231 0.15 5.93 9.59
C ALA A 231 1.22 4.85 9.66
N SER A 232 1.92 4.66 8.54
CA SER A 232 2.97 3.65 8.47
C SER A 232 3.88 3.91 7.27
N LEU A 233 4.97 3.15 7.19
CA LEU A 233 5.92 3.29 6.09
C LEU A 233 6.28 1.93 5.51
N GLY A 234 6.38 1.87 4.19
CA GLY A 234 6.72 0.62 3.52
C GLY A 234 8.09 0.66 2.87
N VAL A 235 8.71 -0.50 2.74
CA VAL A 235 10.03 -0.59 2.13
C VAL A 235 10.01 -1.48 0.89
N ARG A 236 10.66 -1.03 -0.16
CA ARG A 236 10.72 -1.78 -1.42
C ARG A 236 12.05 -2.51 -1.56
N TYR A 237 11.99 -3.78 -1.92
CA TYR A 237 13.19 -4.60 -2.08
C TYR A 237 13.05 -5.54 -3.28
N ARG A 238 14.18 -5.85 -3.91
CA ARG A 238 14.18 -6.73 -5.07
C ARG A 238 13.65 -8.12 -4.70
N ARG A 8 7.12 -4.78 -16.81
CA ARG A 8 6.87 -5.69 -15.70
C ARG A 8 8.00 -5.61 -14.67
N GLY A 9 7.78 -4.84 -13.62
CA GLY A 9 8.80 -4.69 -12.58
C GLY A 9 8.36 -5.30 -11.26
N PRO A 10 8.41 -6.64 -11.18
CA PRO A 10 8.02 -7.36 -9.97
C PRO A 10 9.02 -7.16 -8.83
N TYR A 11 8.50 -6.85 -7.65
CA TYR A 11 9.34 -6.62 -6.48
C TYR A 11 8.58 -6.94 -5.20
N VAL A 12 9.31 -7.02 -4.09
CA VAL A 12 8.71 -7.32 -2.79
C VAL A 12 8.96 -6.19 -1.80
N GLN A 13 7.89 -5.70 -1.19
CA GLN A 13 7.98 -4.62 -0.21
C GLN A 13 7.32 -5.00 1.11
N ALA A 14 7.86 -4.49 2.20
CA ALA A 14 7.32 -4.78 3.53
C ALA A 14 6.69 -3.54 4.15
N ASP A 15 5.81 -3.76 5.12
CA ASP A 15 5.13 -2.66 5.80
C ASP A 15 5.43 -2.67 7.30
N LEU A 16 5.76 -1.50 7.85
CA LEU A 16 6.07 -1.38 9.26
C LEU A 16 5.48 -0.10 9.84
N ALA A 17 5.16 -0.13 11.13
CA ALA A 17 4.60 1.04 11.80
C ALA A 17 5.46 1.45 13.00
N PRO A 55 6.35 -7.36 11.14
CA PRO A 55 5.75 -6.47 10.12
C PRO A 55 4.90 -7.25 9.12
N ARG A 56 4.46 -6.55 8.07
CA ARG A 56 3.64 -7.17 7.04
C ARG A 56 4.46 -7.42 5.77
N VAL A 57 4.11 -8.47 5.04
CA VAL A 57 4.81 -8.82 3.81
C VAL A 57 3.93 -8.56 2.59
N SER A 58 4.41 -7.70 1.69
CA SER A 58 3.66 -7.36 0.49
C SER A 58 4.51 -7.60 -0.76
N VAL A 59 3.85 -7.95 -1.86
CA VAL A 59 4.54 -8.20 -3.11
C VAL A 59 3.70 -7.76 -4.31
N GLY A 60 4.37 -7.36 -5.38
CA GLY A 60 3.67 -6.91 -6.58
C GLY A 60 4.61 -6.55 -7.71
N TYR A 61 4.13 -5.74 -8.64
CA TYR A 61 4.94 -5.33 -9.79
C TYR A 61 4.62 -3.89 -10.17
N ASP A 62 5.55 -3.27 -10.90
CA ASP A 62 5.37 -1.89 -11.34
C ASP A 62 5.62 -1.76 -12.83
N PHE A 63 4.82 -0.92 -13.49
CA PHE A 63 4.95 -0.71 -14.93
C PHE A 63 5.33 0.73 -15.23
N GLY A 64 5.27 1.09 -16.51
CA GLY A 64 5.62 2.44 -16.92
C GLY A 64 4.51 3.44 -16.62
N GLY A 65 4.14 3.55 -15.35
CA GLY A 65 3.09 4.47 -14.96
C GLY A 65 2.71 4.34 -13.50
N TRP A 66 2.06 3.24 -13.16
CA TRP A 66 1.64 2.99 -11.78
C TRP A 66 2.27 1.72 -11.24
N ARG A 67 1.93 1.37 -10.00
CA ARG A 67 2.47 0.17 -9.37
C ARG A 67 1.41 -0.51 -8.50
N ILE A 68 1.36 -1.83 -8.56
CA ILE A 68 0.40 -2.60 -7.78
C ILE A 68 1.09 -3.68 -6.96
N ALA A 69 0.56 -3.94 -5.77
CA ALA A 69 1.12 -4.96 -4.88
C ALA A 69 0.17 -5.28 -3.74
N ALA A 70 0.06 -6.56 -3.41
CA ALA A 70 -0.82 -7.00 -2.34
C ALA A 70 -0.05 -7.15 -1.03
N ASP A 71 -0.77 -7.11 0.08
CA ASP A 71 -0.16 -7.25 1.40
C ASP A 71 -0.69 -8.47 2.12
N TYR A 72 0.14 -9.05 2.99
CA TYR A 72 -0.24 -10.23 3.75
C TYR A 72 0.38 -10.22 5.14
N ALA A 73 -0.42 -10.59 6.14
CA ALA A 73 0.05 -10.62 7.51
C ALA A 73 -0.57 -11.78 8.28
N ARG A 74 0.11 -12.23 9.33
CA ARG A 74 -0.38 -13.34 10.15
C ARG A 74 0.46 -13.50 11.40
N VAL A 115 -6.01 -18.74 9.52
CA VAL A 115 -6.22 -17.43 10.11
C VAL A 115 -5.13 -16.45 9.69
N SER A 116 -5.49 -15.49 8.85
CA SER A 116 -4.54 -14.50 8.36
C SER A 116 -5.26 -13.37 7.62
N SER A 117 -4.50 -12.38 7.19
CA SER A 117 -5.06 -11.23 6.48
C SER A 117 -4.37 -11.04 5.13
N LEU A 118 -5.16 -10.94 4.07
CA LEU A 118 -4.62 -10.77 2.73
C LEU A 118 -5.43 -9.72 1.96
N GLY A 119 -4.75 -8.67 1.49
CA GLY A 119 -5.41 -7.62 0.75
C GLY A 119 -4.63 -7.20 -0.48
N LEU A 120 -5.23 -6.35 -1.29
CA LEU A 120 -4.59 -5.87 -2.51
C LEU A 120 -4.37 -4.36 -2.45
N SER A 121 -3.11 -3.95 -2.65
CA SER A 121 -2.77 -2.52 -2.61
C SER A 121 -2.33 -2.05 -3.99
N ALA A 122 -2.57 -0.76 -4.27
CA ALA A 122 -2.19 -0.17 -5.54
C ALA A 122 -1.87 1.31 -5.39
N ILE A 123 -0.65 1.68 -5.76
CA ILE A 123 -0.22 3.07 -5.66
C ILE A 123 0.24 3.60 -7.01
N TYR A 124 0.15 4.92 -7.20
CA TYR A 124 0.55 5.56 -8.44
C TYR A 124 1.18 6.92 -8.19
N ASP A 125 2.05 7.33 -9.09
CA ASP A 125 2.73 8.62 -8.97
C ASP A 125 2.40 9.53 -10.14
N PHE A 126 2.79 10.80 -10.04
CA PHE A 126 2.52 11.76 -11.10
C PHE A 126 3.76 12.62 -11.36
N GLN A 127 4.43 13.03 -10.29
CA GLN A 127 5.63 13.86 -10.41
C GLN A 127 6.74 13.34 -9.51
N ILE A 128 7.94 13.88 -9.68
CA ILE A 128 9.08 13.47 -8.88
C ILE A 128 10.08 14.61 -8.71
N ASN A 129 11.19 14.33 -8.05
CA ASN A 129 12.22 15.34 -7.83
C ASN A 129 13.60 14.70 -7.71
N ASP A 130 13.85 14.05 -6.57
CA ASP A 130 15.13 13.39 -6.34
C ASP A 130 15.08 12.55 -5.07
N LYS A 131 15.12 13.21 -3.93
CA LYS A 131 15.09 12.51 -2.64
C LYS A 131 13.81 11.69 -2.51
N PHE A 132 12.69 12.36 -2.30
CA PHE A 132 11.40 11.70 -2.16
C PHE A 132 10.41 12.18 -3.21
N LYS A 133 9.34 11.42 -3.40
CA LYS A 133 8.32 11.77 -4.38
C LYS A 133 6.92 11.45 -3.85
N PRO A 134 5.91 12.18 -4.35
CA PRO A 134 4.52 11.98 -3.94
C PRO A 134 3.94 10.66 -4.44
N TYR A 135 3.05 10.08 -3.66
CA TYR A 135 2.42 8.81 -4.02
C TYR A 135 0.97 8.76 -3.54
N ILE A 136 0.09 8.28 -4.40
CA ILE A 136 -1.33 8.18 -4.07
C ILE A 136 -1.95 6.93 -4.69
N GLY A 137 -2.89 6.32 -3.96
CA GLY A 137 -3.54 5.12 -4.46
C GLY A 137 -4.57 4.58 -3.48
N ALA A 138 -4.91 3.30 -3.63
CA ALA A 138 -5.89 2.67 -2.76
C ALA A 138 -5.48 1.23 -2.44
N ARG A 139 -6.20 0.60 -1.52
CA ARG A 139 -5.92 -0.77 -1.13
C ARG A 139 -7.11 -1.38 -0.39
N VAL A 140 -7.35 -2.67 -0.64
CA VAL A 140 -8.45 -3.38 -0.01
C VAL A 140 -7.94 -4.54 0.84
N ALA A 141 -8.68 -4.88 1.89
CA ALA A 141 -8.32 -5.98 2.77
C ALA A 141 -9.32 -7.12 2.67
N TYR A 142 -8.82 -8.34 2.58
CA TYR A 142 -9.67 -9.52 2.48
C TYR A 142 -9.25 -10.58 3.49
N GLY A 143 -10.24 -11.29 4.03
CA GLY A 143 -9.96 -12.33 5.01
C GLY A 143 -10.41 -11.94 6.41
N HIS A 144 -9.62 -12.35 7.40
CA HIS A 144 -9.94 -12.04 8.80
C HIS A 144 -11.26 -12.69 9.21
N VAL A 145 -11.16 -13.84 9.86
CA VAL A 145 -12.34 -14.57 10.31
C VAL A 145 -12.55 -14.40 11.81
N ARG A 189 -15.71 -15.12 5.72
CA ARG A 189 -14.60 -14.22 6.04
C ARG A 189 -15.05 -12.77 5.99
N ARG A 190 -14.12 -11.85 6.28
CA ARG A 190 -14.43 -10.42 6.27
C ARG A 190 -13.78 -9.74 5.07
N VAL A 191 -14.40 -8.66 4.61
CA VAL A 191 -13.87 -7.91 3.47
C VAL A 191 -14.05 -6.41 3.68
N GLY A 192 -13.00 -5.65 3.36
CA GLY A 192 -13.05 -4.21 3.52
C GLY A 192 -12.29 -3.48 2.43
N LEU A 193 -12.58 -2.20 2.27
CA LEU A 193 -11.91 -1.38 1.25
C LEU A 193 -11.44 -0.06 1.84
N GLY A 194 -10.19 0.31 1.53
CA GLY A 194 -9.65 1.56 2.03
C GLY A 194 -8.75 2.25 1.03
N VAL A 195 -8.23 3.41 1.39
CA VAL A 195 -7.35 4.17 0.51
C VAL A 195 -5.96 4.32 1.11
N ILE A 196 -4.98 4.62 0.26
CA ILE A 196 -3.60 4.79 0.70
C ILE A 196 -2.96 6.01 0.05
N ALA A 197 -2.27 6.80 0.86
CA ALA A 197 -1.60 8.00 0.35
C ALA A 197 -0.32 8.28 1.14
N GLY A 198 0.78 8.48 0.42
CA GLY A 198 2.05 8.75 1.06
C GLY A 198 3.09 9.25 0.09
N VAL A 199 4.37 8.95 0.39
CA VAL A 199 5.47 9.37 -0.46
C VAL A 199 6.58 8.34 -0.48
N GLY A 200 7.34 8.30 -1.57
CA GLY A 200 8.43 7.36 -1.68
C GLY A 200 9.79 8.02 -1.57
N PHE A 201 10.84 7.21 -1.49
CA PHE A 201 12.20 7.72 -1.38
C PHE A 201 13.15 6.96 -2.31
N ASP A 202 13.94 7.70 -3.06
CA ASP A 202 14.90 7.09 -3.98
C ASP A 202 14.18 6.39 -5.13
N ILE A 203 14.64 6.63 -6.36
CA ILE A 203 14.04 6.02 -7.53
C ILE A 203 13.88 4.51 -7.36
N THR A 204 14.98 3.79 -7.54
CA THR A 204 14.96 2.33 -7.39
C THR A 204 16.34 1.74 -7.62
N PRO A 205 17.33 2.25 -6.85
CA PRO A 205 18.71 1.79 -6.95
C PRO A 205 18.89 0.36 -6.41
N LYS A 206 18.08 0.02 -5.42
CA LYS A 206 18.14 -1.31 -4.81
C LYS A 206 17.11 -1.45 -3.70
N LEU A 207 16.84 -0.35 -3.00
CA LEU A 207 15.87 -0.35 -1.92
C LEU A 207 15.12 0.98 -1.85
N THR A 208 13.81 0.93 -2.12
CA THR A 208 12.99 2.14 -2.09
C THR A 208 12.33 2.32 -0.73
N LEU A 209 12.19 3.56 -0.30
CA LEU A 209 11.56 3.87 0.98
C LEU A 209 10.13 4.37 0.79
N ASP A 210 9.27 4.06 1.75
CA ASP A 210 7.88 4.48 1.69
C ASP A 210 7.41 4.98 3.05
N ALA A 211 6.68 6.10 3.04
CA ALA A 211 6.16 6.68 4.27
C ALA A 211 4.89 7.50 4.01
N GLY A 212 3.84 7.17 4.74
CA GLY A 212 2.57 7.89 4.56
C GLY A 212 1.47 7.32 5.43
N TYR A 213 0.23 7.67 5.09
CA TYR A 213 -0.92 7.19 5.85
C TYR A 213 -1.97 6.57 4.93
N ARG A 214 -2.91 5.84 5.51
CA ARG A 214 -3.97 5.19 4.74
C ARG A 214 -5.24 5.04 5.57
N TYR A 215 -6.38 5.07 4.90
CA TYR A 215 -7.67 4.94 5.57
C TYR A 215 -8.32 3.60 5.25
N HIS A 216 -9.04 3.05 6.22
CA HIS A 216 -9.73 1.77 6.04
C HIS A 216 -11.23 1.94 6.18
N ASN A 217 -11.96 1.63 5.12
CA ASN A 217 -13.42 1.74 5.12
C ASN A 217 -14.07 0.36 5.13
N TRP A 218 -14.96 0.14 6.09
CA TRP A 218 -15.66 -1.13 6.22
C TRP A 218 -16.31 -1.53 4.89
N GLY A 219 -16.95 -0.56 4.23
CA GLY A 219 -17.60 -0.84 2.97
C GLY A 219 -18.94 -0.16 2.85
N ARG A 220 -19.46 -0.06 1.63
CA ARG A 220 -20.75 0.58 1.38
C ARG A 220 -21.89 -0.43 1.51
N LEU A 221 -23.11 0.05 1.47
CA LEU A 221 -24.28 -0.80 1.58
C LEU A 221 -25.57 0.00 1.35
N GLU A 222 -25.69 1.11 2.05
CA GLU A 222 -26.87 1.97 1.92
C GLU A 222 -26.69 3.26 2.70
N ASN A 223 -26.30 3.14 3.97
CA ASN A 223 -26.10 4.30 4.83
C ASN A 223 -25.16 3.97 5.98
N THR A 224 -24.81 4.99 6.76
CA THR A 224 -23.92 4.80 7.90
C THR A 224 -22.54 4.35 7.45
N ARG A 225 -21.68 5.32 7.15
CA ARG A 225 -20.32 5.02 6.71
C ARG A 225 -19.33 5.09 7.88
N PHE A 226 -18.43 4.12 7.94
CA PHE A 226 -17.44 4.08 9.01
C PHE A 226 -16.05 3.77 8.45
N LYS A 227 -15.11 4.67 8.69
CA LYS A 227 -13.74 4.50 8.21
C LYS A 227 -12.74 5.06 9.22
N THR A 228 -11.55 4.46 9.25
CA THR A 228 -10.50 4.90 10.17
C THR A 228 -9.26 5.35 9.40
N HIS A 229 -8.31 5.93 10.12
CA HIS A 229 -7.06 6.41 9.52
C HIS A 229 -5.86 5.94 10.32
N GLU A 230 -4.78 5.59 9.61
CA GLU A 230 -3.57 5.12 10.26
C GLU A 230 -2.34 5.56 9.46
N ALA A 231 -1.22 5.71 10.17
CA ALA A 231 0.03 6.14 9.54
C ALA A 231 1.12 5.08 9.72
N SER A 232 1.90 4.87 8.67
CA SER A 232 2.98 3.89 8.71
C SER A 232 3.93 4.07 7.54
N LEU A 233 5.03 3.33 7.54
CA LEU A 233 6.02 3.42 6.47
C LEU A 233 6.47 2.02 6.03
N GLY A 234 6.76 1.88 4.75
CA GLY A 234 7.20 0.60 4.22
C GLY A 234 8.49 0.71 3.43
N VAL A 235 8.97 -0.43 2.93
CA VAL A 235 10.20 -0.46 2.16
C VAL A 235 10.11 -1.46 1.01
N ARG A 236 10.55 -1.04 -0.17
CA ARG A 236 10.51 -1.90 -1.34
C ARG A 236 11.91 -2.46 -1.64
N TYR A 237 11.97 -3.77 -1.86
CA TYR A 237 13.24 -4.43 -2.16
C TYR A 237 13.05 -5.54 -3.19
N ARG A 238 14.14 -5.95 -3.82
CA ARG A 238 14.11 -7.00 -4.82
C ARG A 238 14.35 -8.37 -4.19
N ARG A 8 12.18 -1.80 -13.32
CA ARG A 8 10.80 -2.23 -13.19
C ARG A 8 10.71 -3.75 -13.06
N GLY A 9 9.57 -4.25 -12.62
CA GLY A 9 9.37 -5.68 -12.46
C GLY A 9 8.85 -6.05 -11.09
N PRO A 10 8.92 -7.35 -10.76
CA PRO A 10 8.45 -7.86 -9.47
C PRO A 10 9.34 -7.41 -8.32
N TYR A 11 8.71 -6.93 -7.24
CA TYR A 11 9.44 -6.47 -6.07
C TYR A 11 8.65 -6.75 -4.79
N VAL A 12 9.37 -6.90 -3.69
CA VAL A 12 8.75 -7.17 -2.40
C VAL A 12 9.04 -6.07 -1.40
N GLN A 13 7.98 -5.58 -0.74
CA GLN A 13 8.14 -4.51 0.24
C GLN A 13 7.50 -4.91 1.57
N ALA A 14 7.96 -4.29 2.65
CA ALA A 14 7.43 -4.57 3.98
C ALA A 14 6.79 -3.34 4.60
N ASP A 15 5.86 -3.56 5.52
CA ASP A 15 5.16 -2.47 6.19
C ASP A 15 5.38 -2.52 7.70
N LEU A 16 5.72 -1.38 8.27
CA LEU A 16 5.96 -1.30 9.71
C LEU A 16 5.41 0.01 10.28
N ALA A 17 5.18 0.03 11.59
CA ALA A 17 4.67 1.21 12.25
C ALA A 17 5.74 2.30 12.35
N PRO A 55 4.83 -6.43 11.87
CA PRO A 55 4.73 -5.79 10.55
C PRO A 55 3.95 -6.65 9.56
N ARG A 56 3.77 -6.13 8.34
CA ARG A 56 3.04 -6.84 7.30
C ARG A 56 3.92 -7.09 6.09
N VAL A 57 3.63 -8.16 5.37
CA VAL A 57 4.41 -8.51 4.17
C VAL A 57 3.68 -8.08 2.90
N SER A 58 4.36 -7.27 2.08
CA SER A 58 3.78 -6.78 0.84
C SER A 58 4.60 -7.25 -0.35
N VAL A 59 3.91 -7.54 -1.45
CA VAL A 59 4.57 -8.00 -2.67
C VAL A 59 3.77 -7.61 -3.91
N GLY A 60 4.46 -7.05 -4.91
CA GLY A 60 3.80 -6.64 -6.13
C GLY A 60 4.78 -6.32 -7.24
N TYR A 61 4.34 -5.54 -8.21
CA TYR A 61 5.18 -5.17 -9.34
C TYR A 61 5.19 -3.65 -9.53
N ASP A 62 6.37 -3.10 -9.81
CA ASP A 62 6.52 -1.67 -10.02
C ASP A 62 7.08 -1.37 -11.41
N PHE A 63 6.35 -0.58 -12.18
CA PHE A 63 6.79 -0.23 -13.53
C PHE A 63 6.40 1.21 -13.86
N GLY A 64 7.15 2.17 -13.31
CA GLY A 64 6.87 3.57 -13.57
C GLY A 64 5.42 3.92 -13.28
N GLY A 65 4.63 4.07 -14.34
CA GLY A 65 3.23 4.42 -14.17
C GLY A 65 2.38 3.22 -13.80
N TRP A 66 1.46 3.42 -12.86
CA TRP A 66 0.58 2.35 -12.41
C TRP A 66 1.37 1.22 -11.77
N ARG A 67 1.46 1.26 -10.44
CA ARG A 67 2.19 0.24 -9.70
C ARG A 67 1.24 -0.64 -8.89
N ILE A 68 1.51 -1.94 -8.88
CA ILE A 68 0.68 -2.89 -8.14
C ILE A 68 1.41 -3.42 -6.91
N ALA A 69 0.72 -3.41 -5.77
CA ALA A 69 1.30 -3.89 -4.53
C ALA A 69 0.28 -4.69 -3.73
N ALA A 70 0.61 -5.94 -3.45
CA ALA A 70 -0.27 -6.83 -2.69
C ALA A 70 0.09 -6.81 -1.21
N ASP A 71 -0.91 -7.05 -0.36
CA ASP A 71 -0.70 -7.07 1.09
C ASP A 71 -0.99 -8.45 1.66
N TYR A 72 -0.18 -8.87 2.62
CA TYR A 72 -0.35 -10.18 3.26
C TYR A 72 0.13 -10.15 4.70
N ALA A 73 -0.67 -10.73 5.59
CA ALA A 73 -0.32 -10.77 7.01
C ALA A 73 -0.97 -11.97 7.69
N ARG A 74 -0.45 -12.34 8.86
CA ARG A 74 -0.98 -13.47 9.62
C ARG A 74 -0.91 -14.75 8.80
N VAL A 115 -6.66 -19.36 8.93
CA VAL A 115 -6.78 -18.00 9.44
C VAL A 115 -5.62 -17.13 8.97
N SER A 116 -5.77 -16.57 7.77
CA SER A 116 -4.75 -15.70 7.19
C SER A 116 -5.37 -14.46 6.56
N SER A 117 -4.57 -13.41 6.44
CA SER A 117 -5.04 -12.16 5.86
C SER A 117 -4.39 -11.92 4.50
N LEU A 118 -5.22 -11.88 3.46
CA LEU A 118 -4.74 -11.67 2.10
C LEU A 118 -5.50 -10.53 1.43
N GLY A 119 -4.75 -9.57 0.87
CA GLY A 119 -5.39 -8.44 0.20
C GLY A 119 -4.54 -7.92 -0.95
N LEU A 120 -5.11 -6.99 -1.72
CA LEU A 120 -4.41 -6.40 -2.85
C LEU A 120 -4.58 -4.89 -2.87
N SER A 121 -3.54 -4.18 -3.30
CA SER A 121 -3.57 -2.73 -3.36
C SER A 121 -2.86 -2.23 -4.62
N ALA A 122 -3.12 -0.97 -4.98
CA ALA A 122 -2.51 -0.37 -6.16
C ALA A 122 -2.08 1.06 -5.88
N ILE A 123 -0.82 1.37 -6.17
CA ILE A 123 -0.29 2.71 -5.95
C ILE A 123 -0.05 3.43 -7.27
N TYR A 124 -0.22 4.74 -7.27
CA TYR A 124 -0.02 5.55 -8.47
C TYR A 124 0.58 6.91 -8.11
N ASP A 125 1.47 7.39 -8.97
CA ASP A 125 2.13 8.67 -8.76
C ASP A 125 2.67 9.23 -10.07
N PHE A 126 3.09 10.49 -10.04
CA PHE A 126 3.64 11.14 -11.23
C PHE A 126 5.14 11.39 -11.08
N GLN A 127 5.70 12.17 -12.00
CA GLN A 127 7.12 12.48 -11.98
C GLN A 127 7.34 13.99 -11.85
N ILE A 128 8.47 14.36 -11.27
CA ILE A 128 8.80 15.77 -11.10
C ILE A 128 10.19 15.94 -10.48
N ASN A 129 10.52 15.05 -9.55
CA ASN A 129 11.81 15.10 -8.87
C ASN A 129 12.54 13.76 -8.99
N ASP A 130 13.63 13.61 -8.24
CA ASP A 130 14.40 12.38 -8.25
C ASP A 130 14.51 11.79 -6.84
N LYS A 131 14.85 12.64 -5.88
CA LYS A 131 14.99 12.22 -4.50
C LYS A 131 13.75 11.46 -4.04
N PHE A 132 12.66 12.19 -3.79
CA PHE A 132 11.42 11.59 -3.34
C PHE A 132 10.22 12.31 -3.94
N LYS A 133 9.07 11.64 -3.93
CA LYS A 133 7.84 12.22 -4.49
C LYS A 133 6.62 11.63 -3.81
N PRO A 134 5.49 12.34 -3.91
CA PRO A 134 4.21 11.90 -3.31
C PRO A 134 3.63 10.69 -4.01
N TYR A 135 2.87 9.88 -3.27
CA TYR A 135 2.26 8.68 -3.83
C TYR A 135 0.82 8.53 -3.33
N ILE A 136 -0.08 8.14 -4.22
CA ILE A 136 -1.48 7.96 -3.88
C ILE A 136 -2.06 6.74 -4.59
N GLY A 137 -2.85 5.95 -3.87
CA GLY A 137 -3.46 4.77 -4.45
C GLY A 137 -4.53 4.18 -3.56
N ALA A 138 -5.00 2.98 -3.91
CA ALA A 138 -6.04 2.31 -3.14
C ALA A 138 -5.54 0.97 -2.61
N ARG A 139 -6.28 0.40 -1.67
CA ARG A 139 -5.92 -0.88 -1.08
C ARG A 139 -7.16 -1.65 -0.63
N VAL A 140 -7.06 -2.97 -0.61
CA VAL A 140 -8.17 -3.82 -0.20
C VAL A 140 -7.68 -5.06 0.54
N ALA A 141 -8.32 -5.36 1.67
CA ALA A 141 -7.94 -6.51 2.48
C ALA A 141 -9.05 -7.56 2.48
N TYR A 142 -8.67 -8.83 2.37
CA TYR A 142 -9.64 -9.91 2.36
C TYR A 142 -9.24 -11.01 3.35
N GLY A 143 -10.23 -11.53 4.08
CA GLY A 143 -9.96 -12.57 5.05
C GLY A 143 -11.05 -13.63 5.08
N HIS A 144 -10.65 -14.88 5.26
CA HIS A 144 -11.59 -15.99 5.30
C HIS A 144 -10.88 -17.29 5.67
N VAL A 145 -11.66 -18.37 5.76
CA VAL A 145 -11.10 -19.68 6.11
C VAL A 145 -11.65 -20.76 5.18
N ARG A 189 -16.01 -14.79 7.72
CA ARG A 189 -15.08 -14.06 6.87
C ARG A 189 -15.18 -12.55 7.09
N ARG A 190 -14.22 -11.82 6.54
CA ARG A 190 -14.21 -10.36 6.68
C ARG A 190 -13.46 -9.71 5.53
N VAL A 191 -14.00 -8.61 5.02
CA VAL A 191 -13.38 -7.89 3.92
C VAL A 191 -13.52 -6.39 4.09
N GLY A 192 -12.46 -5.66 3.76
CA GLY A 192 -12.49 -4.21 3.89
C GLY A 192 -11.77 -3.51 2.76
N LEU A 193 -12.09 -2.24 2.54
CA LEU A 193 -11.48 -1.47 1.47
C LEU A 193 -10.92 -0.15 2.02
N GLY A 194 -9.65 0.11 1.72
CA GLY A 194 -9.01 1.34 2.18
C GLY A 194 -8.19 2.00 1.10
N VAL A 195 -7.49 3.07 1.47
CA VAL A 195 -6.66 3.80 0.52
C VAL A 195 -5.34 4.21 1.16
N ILE A 196 -4.35 4.52 0.32
CA ILE A 196 -3.04 4.93 0.80
C ILE A 196 -2.61 6.26 0.18
N ALA A 197 -1.86 7.04 0.94
CA ALA A 197 -1.38 8.34 0.46
C ALA A 197 -0.21 8.84 1.31
N GLY A 198 0.77 9.44 0.66
CA GLY A 198 1.93 9.96 1.37
C GLY A 198 3.08 10.29 0.43
N VAL A 199 4.30 10.01 0.88
CA VAL A 199 5.49 10.28 0.08
C VAL A 199 6.46 9.10 0.11
N GLY A 200 7.27 8.99 -0.93
CA GLY A 200 8.24 7.90 -1.00
C GLY A 200 9.58 8.35 -1.54
N PHE A 201 10.65 7.80 -1.00
CA PHE A 201 12.00 8.15 -1.44
C PHE A 201 12.54 7.09 -2.41
N ASP A 202 12.94 7.55 -3.59
CA ASP A 202 13.48 6.65 -4.60
C ASP A 202 14.98 6.83 -4.75
N ILE A 203 15.70 6.63 -3.65
CA ILE A 203 17.16 6.78 -3.65
C ILE A 203 17.80 5.88 -4.70
N THR A 204 17.22 4.69 -4.89
CA THR A 204 17.74 3.74 -5.86
C THR A 204 16.64 2.79 -6.33
N PRO A 205 16.85 2.17 -7.50
CA PRO A 205 15.90 1.22 -8.09
C PRO A 205 15.81 -0.08 -7.29
N LYS A 206 16.95 -0.54 -6.78
CA LYS A 206 17.00 -1.77 -6.01
C LYS A 206 16.50 -1.54 -4.59
N LEU A 207 16.84 -0.38 -4.02
CA LEU A 207 16.42 -0.04 -2.66
C LEU A 207 15.53 1.20 -2.67
N THR A 208 14.27 1.02 -2.29
CA THR A 208 13.32 2.12 -2.25
C THR A 208 12.63 2.21 -0.88
N LEU A 209 12.24 3.42 -0.50
CA LEU A 209 11.58 3.64 0.78
C LEU A 209 10.25 4.36 0.59
N ASP A 210 9.28 4.06 1.44
CA ASP A 210 7.97 4.69 1.36
C ASP A 210 7.41 4.95 2.76
N ALA A 211 6.66 6.04 2.89
CA ALA A 211 6.06 6.41 4.17
C ALA A 211 4.87 7.33 3.98
N GLY A 212 3.82 7.11 4.77
CA GLY A 212 2.62 7.93 4.67
C GLY A 212 1.48 7.38 5.50
N TYR A 213 0.27 7.85 5.22
CA TYR A 213 -0.91 7.41 5.94
C TYR A 213 -1.88 6.68 5.02
N ARG A 214 -2.83 5.97 5.61
CA ARG A 214 -3.81 5.23 4.84
C ARG A 214 -5.14 5.13 5.61
N TYR A 215 -6.24 5.10 4.87
CA TYR A 215 -7.56 5.01 5.48
C TYR A 215 -8.16 3.61 5.31
N HIS A 216 -8.96 3.18 6.27
CA HIS A 216 -9.59 1.87 6.22
C HIS A 216 -11.10 1.98 6.31
N ASN A 217 -11.79 1.52 5.27
CA ASN A 217 -13.24 1.58 5.22
C ASN A 217 -13.84 0.18 5.38
N TRP A 218 -14.68 0.02 6.40
CA TRP A 218 -15.33 -1.27 6.65
C TRP A 218 -16.02 -1.79 5.40
N GLY A 219 -16.57 -0.89 4.61
CA GLY A 219 -17.26 -1.28 3.39
C GLY A 219 -18.75 -1.05 3.45
N ARG A 220 -19.22 0.01 2.80
CA ARG A 220 -20.63 0.34 2.79
C ARG A 220 -21.10 0.70 1.38
N LEU A 221 -20.29 1.49 0.69
CA LEU A 221 -20.62 1.92 -0.68
C LEU A 221 -21.92 2.70 -0.70
N GLU A 222 -21.83 3.99 -0.41
CA GLU A 222 -23.01 4.86 -0.40
C GLU A 222 -22.60 6.33 -0.36
N ASN A 223 -22.02 6.74 0.76
CA ASN A 223 -21.59 8.13 0.93
C ASN A 223 -20.59 8.24 2.09
N THR A 224 -21.05 7.88 3.29
CA THR A 224 -20.20 7.95 4.47
C THR A 224 -20.89 7.31 5.67
N ARG A 225 -20.10 6.62 6.50
CA ARG A 225 -20.64 5.95 7.68
C ARG A 225 -19.55 5.75 8.72
N PHE A 226 -18.55 4.93 8.38
CA PHE A 226 -17.45 4.64 9.28
C PHE A 226 -16.14 4.48 8.51
N LYS A 227 -15.15 5.31 8.85
CA LYS A 227 -13.86 5.25 8.19
C LYS A 227 -12.74 5.60 9.16
N THR A 228 -11.63 4.86 9.09
CA THR A 228 -10.50 5.09 9.96
C THR A 228 -9.26 5.49 9.17
N HIS A 229 -8.21 5.88 9.87
CA HIS A 229 -6.97 6.30 9.22
C HIS A 229 -5.79 6.14 10.18
N GLU A 230 -4.62 5.81 9.63
CA GLU A 230 -3.42 5.64 10.43
C GLU A 230 -2.17 6.01 9.63
N ALA A 231 -1.04 6.13 10.32
CA ALA A 231 0.22 6.47 9.67
C ALA A 231 1.26 5.38 9.88
N SER A 232 1.95 5.02 8.81
CA SER A 232 2.97 3.97 8.87
C SER A 232 4.03 4.18 7.79
N LEU A 233 5.08 3.38 7.85
CA LEU A 233 6.17 3.48 6.88
C LEU A 233 6.58 2.09 6.39
N GLY A 234 6.84 1.98 5.09
CA GLY A 234 7.24 0.71 4.52
C GLY A 234 8.50 0.82 3.68
N VAL A 235 9.11 -0.32 3.37
CA VAL A 235 10.33 -0.34 2.57
C VAL A 235 10.20 -1.29 1.39
N ARG A 236 10.68 -0.85 0.23
CA ARG A 236 10.61 -1.66 -0.98
C ARG A 236 11.98 -2.23 -1.33
N TYR A 237 12.03 -3.54 -1.56
CA TYR A 237 13.29 -4.19 -1.92
C TYR A 237 13.05 -5.29 -2.95
N ARG A 238 14.13 -5.71 -3.62
CA ARG A 238 14.05 -6.74 -4.64
C ARG A 238 13.94 -8.13 -4.00
N ARG A 8 12.32 -0.53 -9.24
CA ARG A 8 11.74 -0.49 -10.57
C ARG A 8 11.38 -1.89 -11.05
N GLY A 9 10.08 -2.15 -11.20
CA GLY A 9 9.63 -3.45 -11.64
C GLY A 9 9.04 -4.28 -10.52
N PRO A 10 8.98 -5.61 -10.73
CA PRO A 10 8.44 -6.55 -9.74
C PRO A 10 9.35 -6.68 -8.52
N TYR A 11 8.73 -6.66 -7.34
CA TYR A 11 9.48 -6.78 -6.09
C TYR A 11 8.53 -6.93 -4.90
N VAL A 12 9.11 -7.11 -3.72
CA VAL A 12 8.32 -7.26 -2.49
C VAL A 12 8.67 -6.18 -1.47
N GLN A 13 7.64 -5.58 -0.89
CA GLN A 13 7.84 -4.53 0.10
C GLN A 13 7.17 -4.90 1.41
N ALA A 14 7.71 -4.37 2.52
CA ALA A 14 7.16 -4.64 3.84
C ALA A 14 6.53 -3.39 4.44
N ASP A 15 5.53 -3.58 5.30
CA ASP A 15 4.85 -2.47 5.95
C ASP A 15 4.97 -2.56 7.47
N LEU A 16 5.33 -1.45 8.10
CA LEU A 16 5.47 -1.42 9.54
C LEU A 16 4.95 -0.09 10.10
N ALA A 17 4.47 -0.14 11.35
CA ALA A 17 3.94 1.05 12.01
C ALA A 17 4.80 1.45 13.21
N PRO A 55 3.99 -5.87 11.60
CA PRO A 55 4.20 -5.55 10.19
C PRO A 55 3.52 -6.54 9.26
N ARG A 56 3.55 -6.27 7.96
CA ARG A 56 2.94 -7.14 6.97
C ARG A 56 3.82 -7.27 5.74
N VAL A 57 3.58 -8.31 4.95
CA VAL A 57 4.36 -8.55 3.74
C VAL A 57 3.56 -8.18 2.49
N SER A 58 4.23 -7.55 1.54
CA SER A 58 3.58 -7.14 0.29
C SER A 58 4.44 -7.50 -0.91
N VAL A 59 3.78 -7.84 -2.02
CA VAL A 59 4.48 -8.21 -3.24
C VAL A 59 3.67 -7.82 -4.47
N GLY A 60 4.35 -7.21 -5.44
CA GLY A 60 3.68 -6.79 -6.66
C GLY A 60 4.63 -6.15 -7.65
N TYR A 61 4.09 -5.35 -8.56
CA TYR A 61 4.90 -4.69 -9.59
C TYR A 61 4.77 -3.17 -9.49
N ASP A 62 5.90 -2.48 -9.41
CA ASP A 62 5.91 -1.03 -9.32
C ASP A 62 7.15 -0.45 -9.98
N PHE A 63 6.94 0.44 -10.94
CA PHE A 63 8.04 1.07 -11.66
C PHE A 63 7.70 2.51 -12.02
N GLY A 64 6.68 2.68 -12.86
CA GLY A 64 6.27 4.01 -13.27
C GLY A 64 4.87 4.36 -12.81
N GLY A 65 4.01 4.72 -13.76
CA GLY A 65 2.64 5.07 -13.42
C GLY A 65 1.71 3.88 -13.44
N TRP A 66 0.60 3.97 -12.72
CA TRP A 66 -0.38 2.90 -12.68
C TRP A 66 0.29 1.57 -12.34
N ARG A 67 0.62 1.38 -11.06
CA ARG A 67 1.26 0.16 -10.60
C ARG A 67 0.33 -0.63 -9.69
N ILE A 68 0.76 -1.84 -9.33
CA ILE A 68 -0.03 -2.71 -8.46
C ILE A 68 0.85 -3.36 -7.40
N ALA A 69 0.34 -3.42 -6.17
CA ALA A 69 1.07 -4.02 -5.06
C ALA A 69 0.14 -4.84 -4.17
N ALA A 70 0.46 -6.12 -4.00
CA ALA A 70 -0.35 -6.99 -3.16
C ALA A 70 0.10 -6.93 -1.71
N ASP A 71 -0.86 -7.10 -0.79
CA ASP A 71 -0.57 -7.06 0.63
C ASP A 71 -1.12 -8.30 1.34
N TYR A 72 -0.35 -8.84 2.26
CA TYR A 72 -0.77 -10.03 3.01
C TYR A 72 0.03 -10.16 4.31
N ALA A 73 -0.53 -10.91 5.25
CA ALA A 73 0.13 -11.11 6.54
C ALA A 73 -0.39 -12.38 7.21
N ARG A 74 0.35 -12.86 8.21
CA ARG A 74 -0.03 -14.06 8.93
C ARG A 74 -0.05 -15.28 8.01
N VAL A 115 -5.84 -19.27 9.92
CA VAL A 115 -5.58 -17.84 10.07
C VAL A 115 -4.67 -17.34 8.95
N SER A 116 -5.13 -16.31 8.24
CA SER A 116 -4.36 -15.74 7.14
C SER A 116 -5.03 -14.48 6.61
N SER A 117 -4.22 -13.48 6.26
CA SER A 117 -4.73 -12.22 5.75
C SER A 117 -4.25 -11.98 4.32
N LEU A 118 -5.19 -11.94 3.38
CA LEU A 118 -4.86 -11.73 1.97
C LEU A 118 -5.56 -10.48 1.44
N GLY A 119 -4.81 -9.64 0.75
CA GLY A 119 -5.37 -8.42 0.20
C GLY A 119 -4.54 -7.85 -0.94
N LEU A 120 -5.07 -6.84 -1.60
CA LEU A 120 -4.37 -6.21 -2.73
C LEU A 120 -4.50 -4.69 -2.67
N SER A 121 -3.57 -4.00 -3.31
CA SER A 121 -3.58 -2.54 -3.34
C SER A 121 -3.00 -2.01 -4.65
N ALA A 122 -3.50 -0.86 -5.08
CA ALA A 122 -3.03 -0.24 -6.32
C ALA A 122 -2.25 1.03 -6.04
N ILE A 123 -1.15 1.22 -6.76
CA ILE A 123 -0.31 2.40 -6.59
C ILE A 123 -0.38 3.30 -7.82
N TYR A 124 -0.38 4.61 -7.59
CA TYR A 124 -0.43 5.58 -8.68
C TYR A 124 0.43 6.80 -8.36
N ASP A 125 1.15 7.27 -9.37
CA ASP A 125 2.02 8.43 -9.21
C ASP A 125 2.32 9.08 -10.56
N PHE A 126 2.92 10.27 -10.51
CA PHE A 126 3.25 11.00 -11.74
C PHE A 126 4.13 12.20 -11.42
N GLN A 127 5.29 11.95 -10.81
CA GLN A 127 6.21 13.01 -10.45
C GLN A 127 7.49 12.93 -11.30
N ILE A 128 8.34 13.93 -11.16
CA ILE A 128 9.60 13.97 -11.91
C ILE A 128 10.73 13.35 -11.11
N ASN A 129 11.54 12.53 -11.78
CA ASN A 129 12.67 11.86 -11.13
C ASN A 129 13.56 12.88 -10.42
N ASP A 130 13.47 12.91 -9.09
CA ASP A 130 14.27 13.83 -8.30
C ASP A 130 14.00 13.64 -6.81
N LYS A 131 14.92 12.97 -6.11
CA LYS A 131 14.77 12.72 -4.69
C LYS A 131 13.41 12.10 -4.38
N PHE A 132 13.07 12.03 -3.10
CA PHE A 132 11.81 11.46 -2.67
C PHE A 132 10.64 12.10 -3.41
N LYS A 133 9.58 11.32 -3.64
CA LYS A 133 8.40 11.81 -4.35
C LYS A 133 7.13 11.25 -3.73
N PRO A 134 6.01 11.97 -3.92
CA PRO A 134 4.71 11.56 -3.39
C PRO A 134 4.16 10.33 -4.08
N TYR A 135 3.07 9.79 -3.55
CA TYR A 135 2.44 8.60 -4.12
C TYR A 135 1.05 8.37 -3.52
N ILE A 136 0.09 8.06 -4.38
CA ILE A 136 -1.27 7.81 -3.94
C ILE A 136 -1.90 6.64 -4.69
N GLY A 137 -2.87 5.98 -4.06
CA GLY A 137 -3.53 4.86 -4.69
C GLY A 137 -4.62 4.27 -3.82
N ALA A 138 -4.95 3.00 -4.06
CA ALA A 138 -5.98 2.31 -3.30
C ALA A 138 -5.41 1.08 -2.59
N ARG A 139 -6.16 0.56 -1.63
CA ARG A 139 -5.73 -0.61 -0.88
C ARG A 139 -6.93 -1.33 -0.27
N VAL A 140 -6.90 -2.66 -0.29
CA VAL A 140 -7.97 -3.47 0.27
C VAL A 140 -7.44 -4.75 0.88
N ALA A 141 -7.80 -4.99 2.15
CA ALA A 141 -7.36 -6.18 2.85
C ALA A 141 -8.53 -7.11 3.16
N TYR A 142 -8.31 -8.41 2.97
CA TYR A 142 -9.35 -9.40 3.22
C TYR A 142 -8.83 -10.52 4.11
N GLY A 143 -9.33 -10.58 5.34
CA GLY A 143 -8.91 -11.61 6.26
C GLY A 143 -10.06 -12.14 7.10
N HIS A 144 -9.91 -13.38 7.58
CA HIS A 144 -10.95 -14.01 8.39
C HIS A 144 -10.33 -14.93 9.44
N VAL A 145 -10.10 -14.40 10.64
CA VAL A 145 -9.52 -15.18 11.73
C VAL A 145 -10.57 -16.04 12.41
N ARG A 189 -14.04 -11.81 12.02
CA ARG A 189 -13.09 -11.72 10.90
C ARG A 189 -12.46 -10.33 10.86
N ARG A 190 -11.70 -10.06 9.80
CA ARG A 190 -11.04 -8.78 9.64
C ARG A 190 -10.98 -8.38 8.17
N VAL A 191 -11.74 -7.35 7.81
CA VAL A 191 -11.76 -6.88 6.42
C VAL A 191 -11.74 -5.35 6.37
N GLY A 192 -11.08 -4.81 5.35
CA GLY A 192 -10.99 -3.38 5.21
C GLY A 192 -10.69 -2.95 3.79
N LEU A 193 -11.13 -1.76 3.41
CA LEU A 193 -10.92 -1.24 2.07
C LEU A 193 -10.96 0.29 2.06
N GLY A 194 -10.13 0.89 1.22
CA GLY A 194 -10.09 2.35 1.13
C GLY A 194 -8.96 2.84 0.27
N VAL A 195 -8.53 4.08 0.50
CA VAL A 195 -7.44 4.68 -0.26
C VAL A 195 -6.28 5.07 0.65
N ILE A 196 -5.10 5.27 0.05
CA ILE A 196 -3.92 5.64 0.81
C ILE A 196 -3.05 6.62 0.02
N ALA A 197 -2.17 7.32 0.72
CA ALA A 197 -1.27 8.27 0.08
C ALA A 197 -0.09 8.61 0.98
N GLY A 198 0.93 9.23 0.40
CA GLY A 198 2.11 9.60 1.17
C GLY A 198 3.28 9.96 0.29
N VAL A 199 4.49 9.69 0.78
CA VAL A 199 5.71 9.99 0.02
C VAL A 199 6.76 8.91 0.22
N GLY A 200 7.63 8.75 -0.76
CA GLY A 200 8.68 7.74 -0.67
C GLY A 200 10.05 8.31 -0.97
N PHE A 201 11.04 7.91 -0.18
CA PHE A 201 12.40 8.39 -0.35
C PHE A 201 13.36 7.22 -0.58
N ASP A 202 14.34 7.43 -1.45
CA ASP A 202 15.32 6.40 -1.76
C ASP A 202 16.66 6.70 -1.08
N ILE A 203 17.05 5.83 -0.15
CA ILE A 203 18.30 6.01 0.57
C ILE A 203 19.41 5.18 -0.06
N THR A 204 19.05 4.00 -0.56
CA THR A 204 20.03 3.11 -1.19
C THR A 204 19.42 2.42 -2.40
N PRO A 205 20.30 1.92 -3.30
CA PRO A 205 19.88 1.23 -4.51
C PRO A 205 19.25 -0.14 -4.23
N LYS A 206 19.75 -0.79 -3.18
CA LYS A 206 19.24 -2.10 -2.79
C LYS A 206 17.74 -2.05 -2.52
N LEU A 207 17.35 -1.21 -1.56
CA LEU A 207 15.94 -1.05 -1.20
C LEU A 207 15.57 0.42 -1.05
N THR A 208 14.29 0.72 -1.24
CA THR A 208 13.81 2.10 -1.12
C THR A 208 12.94 2.26 0.11
N LEU A 209 12.93 3.47 0.67
CA LEU A 209 12.14 3.76 1.86
C LEU A 209 10.82 4.46 1.48
N ASP A 210 9.76 4.11 2.20
CA ASP A 210 8.45 4.71 1.94
C ASP A 210 7.71 4.97 3.25
N ALA A 211 6.98 6.08 3.28
CA ALA A 211 6.21 6.45 4.47
C ALA A 211 5.02 7.31 4.11
N GLY A 212 3.88 7.04 4.75
CA GLY A 212 2.68 7.81 4.49
C GLY A 212 1.52 7.39 5.37
N TYR A 213 0.31 7.77 4.98
CA TYR A 213 -0.89 7.44 5.75
C TYR A 213 -1.88 6.68 4.89
N ARG A 214 -2.71 5.85 5.53
CA ARG A 214 -3.71 5.07 4.82
C ARG A 214 -5.10 5.30 5.43
N TYR A 215 -6.09 5.51 4.57
CA TYR A 215 -7.46 5.74 5.02
C TYR A 215 -8.41 4.72 4.41
N HIS A 216 -8.99 3.87 5.26
CA HIS A 216 -9.92 2.84 4.81
C HIS A 216 -10.89 2.46 5.92
N ASN A 217 -12.01 1.86 5.54
CA ASN A 217 -13.03 1.45 6.51
C ASN A 217 -13.05 -0.07 6.64
N TRP A 218 -13.44 -0.55 7.81
CA TRP A 218 -13.51 -1.98 8.07
C TRP A 218 -14.73 -2.60 7.39
N GLY A 219 -15.89 -1.96 7.58
CA GLY A 219 -17.11 -2.46 6.97
C GLY A 219 -18.36 -1.83 7.57
N ARG A 220 -19.50 -2.10 6.97
CA ARG A 220 -20.77 -1.55 7.45
C ARG A 220 -21.74 -2.67 7.82
N LEU A 221 -22.36 -2.54 8.99
CA LEU A 221 -23.31 -3.54 9.46
C LEU A 221 -24.59 -3.51 8.64
N GLU A 222 -25.22 -2.34 8.57
CA GLU A 222 -26.46 -2.18 7.81
C GLU A 222 -26.65 -0.73 7.39
N ASN A 223 -26.45 0.19 8.33
CA ASN A 223 -26.59 1.62 8.05
C ASN A 223 -25.71 2.45 8.97
N THR A 224 -24.40 2.34 8.75
CA THR A 224 -23.44 3.08 9.57
C THR A 224 -22.14 3.33 8.79
N ARG A 225 -22.02 4.54 8.23
CA ARG A 225 -20.83 4.90 7.47
C ARG A 225 -19.65 5.19 8.39
N PHE A 226 -18.79 4.20 8.57
CA PHE A 226 -17.62 4.36 9.43
C PHE A 226 -16.33 4.22 8.63
N LYS A 227 -15.27 4.87 9.11
CA LYS A 227 -13.98 4.82 8.45
C LYS A 227 -12.84 4.77 9.46
N THR A 228 -11.65 4.41 8.98
CA THR A 228 -10.48 4.33 9.85
C THR A 228 -9.24 4.89 9.16
N HIS A 229 -8.51 5.74 9.87
CA HIS A 229 -7.30 6.36 9.33
C HIS A 229 -6.10 6.05 10.23
N GLU A 230 -4.99 5.67 9.60
CA GLU A 230 -3.78 5.35 10.33
C GLU A 230 -2.53 5.72 9.53
N ALA A 231 -1.42 5.90 10.22
CA ALA A 231 -0.16 6.25 9.56
C ALA A 231 0.90 5.19 9.79
N SER A 232 1.73 4.95 8.78
CA SER A 232 2.79 3.95 8.87
C SER A 232 3.79 4.11 7.73
N LEU A 233 4.88 3.35 7.79
CA LEU A 233 5.91 3.40 6.75
C LEU A 233 6.42 2.00 6.43
N GLY A 234 6.86 1.81 5.19
CA GLY A 234 7.38 0.52 4.77
C GLY A 234 8.60 0.65 3.88
N VAL A 235 9.09 -0.49 3.40
CA VAL A 235 10.26 -0.51 2.53
C VAL A 235 10.07 -1.46 1.36
N ARG A 236 10.64 -1.10 0.21
CA ARG A 236 10.53 -1.91 -0.99
C ARG A 236 11.87 -2.53 -1.36
N TYR A 237 11.88 -3.84 -1.58
CA TYR A 237 13.10 -4.54 -1.94
C TYR A 237 12.82 -5.64 -2.98
N ARG A 238 13.75 -5.84 -3.89
CA ARG A 238 13.61 -6.85 -4.93
C ARG A 238 13.44 -8.23 -4.31
N ARG A 8 7.56 -7.19 -16.85
CA ARG A 8 7.08 -6.39 -15.73
C ARG A 8 8.20 -6.14 -14.72
N GLY A 9 7.93 -5.26 -13.76
CA GLY A 9 8.93 -4.95 -12.75
C GLY A 9 8.52 -5.41 -11.37
N PRO A 10 8.63 -6.72 -11.13
CA PRO A 10 8.27 -7.34 -9.84
C PRO A 10 9.25 -6.95 -8.73
N TYR A 11 8.73 -6.82 -7.52
CA TYR A 11 9.55 -6.46 -6.37
C TYR A 11 8.85 -6.80 -5.06
N VAL A 12 9.62 -6.97 -4.00
CA VAL A 12 9.08 -7.30 -2.69
C VAL A 12 9.36 -6.18 -1.68
N GLN A 13 8.32 -5.78 -0.95
CA GLN A 13 8.45 -4.72 0.05
C GLN A 13 7.82 -5.15 1.37
N ALA A 14 8.32 -4.57 2.46
CA ALA A 14 7.81 -4.88 3.79
C ALA A 14 7.08 -3.69 4.39
N ASP A 15 6.10 -3.98 5.26
CA ASP A 15 5.32 -2.93 5.90
C ASP A 15 5.45 -3.02 7.42
N LEU A 16 5.71 -1.88 8.05
CA LEU A 16 5.87 -1.82 9.49
C LEU A 16 5.23 -0.55 10.06
N ALA A 17 4.70 -0.66 11.27
CA ALA A 17 4.06 0.48 11.93
C ALA A 17 5.00 1.13 12.94
N PRO A 55 5.56 -6.84 11.71
CA PRO A 55 5.29 -6.26 10.40
C PRO A 55 4.66 -7.26 9.44
N ARG A 56 4.25 -6.79 8.27
CA ARG A 56 3.64 -7.65 7.27
C ARG A 56 4.48 -7.70 5.99
N VAL A 57 4.30 -8.75 5.21
CA VAL A 57 5.05 -8.92 3.96
C VAL A 57 4.22 -8.49 2.76
N SER A 58 4.79 -7.65 1.92
CA SER A 58 4.10 -7.16 0.73
C SER A 58 4.89 -7.49 -0.53
N VAL A 59 4.18 -7.72 -1.63
CA VAL A 59 4.82 -8.04 -2.90
C VAL A 59 3.97 -7.55 -4.07
N GLY A 60 4.64 -7.00 -5.08
CA GLY A 60 3.94 -6.49 -6.25
C GLY A 60 4.86 -6.30 -7.44
N TYR A 61 4.40 -5.55 -8.43
CA TYR A 61 5.18 -5.29 -9.63
C TYR A 61 4.79 -3.97 -10.27
N ASP A 62 5.65 -3.46 -11.14
CA ASP A 62 5.39 -2.20 -11.82
C ASP A 62 5.30 -2.39 -13.33
N PHE A 63 4.93 -1.34 -14.04
CA PHE A 63 4.79 -1.40 -15.49
C PHE A 63 4.54 -0.02 -16.08
N GLY A 64 5.59 0.79 -16.15
CA GLY A 64 5.46 2.13 -16.68
C GLY A 64 4.34 2.92 -16.02
N GLY A 65 4.61 3.42 -14.82
CA GLY A 65 3.60 4.18 -14.10
C GLY A 65 2.51 3.31 -13.53
N TRP A 66 2.06 3.62 -12.33
CA TRP A 66 1.01 2.86 -11.66
C TRP A 66 1.45 1.43 -11.41
N ARG A 67 1.77 1.13 -10.15
CA ARG A 67 2.21 -0.21 -9.77
C ARG A 67 1.16 -0.90 -8.92
N ILE A 68 1.26 -2.23 -8.83
CA ILE A 68 0.32 -3.01 -8.04
C ILE A 68 1.04 -3.96 -7.09
N ALA A 69 0.62 -3.97 -5.84
CA ALA A 69 1.22 -4.83 -4.83
C ALA A 69 0.19 -5.28 -3.80
N ALA A 70 0.41 -6.44 -3.21
CA ALA A 70 -0.49 -6.98 -2.20
C ALA A 70 0.21 -7.12 -0.85
N ASP A 71 -0.59 -7.18 0.21
CA ASP A 71 -0.04 -7.31 1.56
C ASP A 71 -0.51 -8.62 2.20
N TYR A 72 0.36 -9.23 2.99
CA TYR A 72 0.04 -10.48 3.66
C TYR A 72 0.63 -10.51 5.07
N ALA A 73 -0.18 -10.91 6.04
CA ALA A 73 0.26 -10.99 7.43
C ALA A 73 -0.54 -12.03 8.20
N ARG A 74 0.12 -12.68 9.16
CA ARG A 74 -0.53 -13.71 9.97
C ARG A 74 -0.49 -13.34 11.44
N VAL A 115 -5.73 -18.42 11.16
CA VAL A 115 -6.26 -17.43 10.22
C VAL A 115 -5.14 -16.78 9.42
N SER A 116 -5.51 -15.94 8.46
CA SER A 116 -4.53 -15.25 7.62
C SER A 116 -5.14 -13.98 7.03
N SER A 117 -4.30 -12.95 6.88
CA SER A 117 -4.75 -11.69 6.33
C SER A 117 -4.07 -11.41 4.98
N LEU A 118 -4.89 -11.19 3.95
CA LEU A 118 -4.38 -10.92 2.62
C LEU A 118 -5.18 -9.81 1.94
N GLY A 119 -4.47 -8.90 1.27
CA GLY A 119 -5.13 -7.79 0.60
C GLY A 119 -4.36 -7.30 -0.61
N LEU A 120 -4.95 -6.40 -1.37
CA LEU A 120 -4.31 -5.86 -2.55
C LEU A 120 -4.42 -4.34 -2.59
N SER A 121 -3.34 -3.67 -2.99
CA SER A 121 -3.32 -2.22 -3.06
C SER A 121 -2.51 -1.74 -4.26
N ALA A 122 -3.03 -0.74 -4.96
CA ALA A 122 -2.37 -0.19 -6.13
C ALA A 122 -1.86 1.22 -5.86
N ILE A 123 -0.62 1.49 -6.25
CA ILE A 123 -0.02 2.81 -6.06
C ILE A 123 0.12 3.55 -7.38
N TYR A 124 -0.07 4.86 -7.35
CA TYR A 124 0.03 5.68 -8.54
C TYR A 124 0.69 7.02 -8.23
N ASP A 125 1.35 7.61 -9.22
CA ASP A 125 2.02 8.88 -9.05
C ASP A 125 1.42 9.94 -9.98
N PHE A 126 1.70 11.21 -9.67
CA PHE A 126 1.18 12.32 -10.48
C PHE A 126 2.31 13.00 -11.25
N GLN A 127 3.46 13.17 -10.59
CA GLN A 127 4.61 13.80 -11.20
C GLN A 127 5.91 13.25 -10.64
N ILE A 128 7.01 13.52 -11.33
CA ILE A 128 8.32 13.05 -10.89
C ILE A 128 9.22 14.22 -10.49
N ASN A 129 9.99 14.02 -9.43
CA ASN A 129 10.90 15.05 -8.94
C ASN A 129 12.35 14.70 -9.25
N ASP A 130 12.86 13.69 -8.56
CA ASP A 130 14.24 13.24 -8.75
C ASP A 130 14.52 11.98 -7.94
N LYS A 131 14.43 12.10 -6.63
CA LYS A 131 14.68 10.97 -5.73
C LYS A 131 13.44 10.65 -4.89
N PHE A 132 13.11 11.56 -3.98
CA PHE A 132 11.95 11.37 -3.11
C PHE A 132 10.75 12.16 -3.63
N LYS A 133 9.60 11.50 -3.68
CA LYS A 133 8.38 12.14 -4.16
C LYS A 133 7.15 11.48 -3.55
N PRO A 134 6.03 12.22 -3.52
CA PRO A 134 4.77 11.74 -2.97
C PRO A 134 4.14 10.65 -3.83
N TYR A 135 3.14 9.97 -3.28
CA TYR A 135 2.45 8.90 -4.00
C TYR A 135 1.06 8.66 -3.42
N ILE A 136 0.12 8.30 -4.29
CA ILE A 136 -1.25 8.04 -3.87
C ILE A 136 -1.88 6.92 -4.69
N GLY A 137 -2.81 6.19 -4.09
CA GLY A 137 -3.46 5.10 -4.78
C GLY A 137 -4.61 4.51 -3.97
N ALA A 138 -4.92 3.25 -4.23
CA ALA A 138 -6.00 2.56 -3.52
C ALA A 138 -5.47 1.34 -2.78
N ARG A 139 -6.20 0.92 -1.74
CA ARG A 139 -5.80 -0.23 -0.95
C ARG A 139 -7.03 -1.01 -0.48
N VAL A 140 -6.90 -2.33 -0.40
CA VAL A 140 -7.99 -3.18 0.04
C VAL A 140 -7.48 -4.38 0.84
N ALA A 141 -8.09 -4.62 1.99
CA ALA A 141 -7.70 -5.74 2.85
C ALA A 141 -8.79 -6.80 2.91
N TYR A 142 -8.38 -8.07 2.88
CA TYR A 142 -9.33 -9.17 2.93
C TYR A 142 -8.93 -10.18 4.00
N GLY A 143 -9.89 -10.59 4.82
CA GLY A 143 -9.61 -11.55 5.88
C GLY A 143 -10.65 -12.66 5.94
N HIS A 144 -10.17 -13.89 6.00
CA HIS A 144 -11.07 -15.04 6.06
C HIS A 144 -10.28 -16.33 6.34
N VAL A 145 -10.87 -17.22 7.13
CA VAL A 145 -10.23 -18.48 7.49
C VAL A 145 -9.88 -19.27 6.23
N ARG A 189 -15.39 -12.51 6.32
CA ARG A 189 -15.03 -12.25 7.70
C ARG A 189 -14.64 -10.80 7.92
N ARG A 190 -13.56 -10.39 7.26
CA ARG A 190 -13.08 -9.01 7.37
C ARG A 190 -12.78 -8.42 6.00
N VAL A 191 -13.77 -7.75 5.43
CA VAL A 191 -13.61 -7.14 4.11
C VAL A 191 -13.56 -5.61 4.21
N GLY A 192 -12.43 -5.03 3.85
CA GLY A 192 -12.27 -3.59 3.91
C GLY A 192 -11.58 -3.03 2.69
N LEU A 193 -11.87 -1.78 2.36
CA LEU A 193 -11.29 -1.13 1.19
C LEU A 193 -11.24 0.39 1.38
N GLY A 194 -10.26 1.03 0.77
CA GLY A 194 -10.13 2.47 0.88
C GLY A 194 -9.02 3.03 0.01
N VAL A 195 -8.48 4.17 0.40
CA VAL A 195 -7.39 4.81 -0.35
C VAL A 195 -6.14 4.96 0.50
N ILE A 196 -5.01 5.15 -0.15
CA ILE A 196 -3.73 5.32 0.55
C ILE A 196 -2.96 6.51 0.01
N ALA A 197 -2.32 7.24 0.91
CA ALA A 197 -1.53 8.42 0.53
C ALA A 197 -0.29 8.56 1.41
N GLY A 198 0.86 8.71 0.76
CA GLY A 198 2.11 8.85 1.50
C GLY A 198 3.23 9.38 0.62
N VAL A 199 4.46 9.24 1.11
CA VAL A 199 5.64 9.70 0.38
C VAL A 199 6.71 8.63 0.33
N GLY A 200 7.51 8.66 -0.74
CA GLY A 200 8.57 7.68 -0.89
C GLY A 200 9.92 8.32 -1.16
N PHE A 201 10.95 7.85 -0.46
CA PHE A 201 12.30 8.39 -0.62
C PHE A 201 13.22 7.35 -1.27
N ASP A 202 14.02 7.80 -2.22
CA ASP A 202 14.95 6.92 -2.91
C ASP A 202 16.39 7.16 -2.44
N ILE A 203 16.62 6.96 -1.15
CA ILE A 203 17.95 7.17 -0.58
C ILE A 203 19.02 6.41 -1.37
N THR A 204 18.64 5.22 -1.87
CA THR A 204 19.56 4.40 -2.65
C THR A 204 18.80 3.47 -3.57
N PRO A 205 19.49 2.98 -4.62
CA PRO A 205 18.90 2.06 -5.59
C PRO A 205 18.62 0.69 -5.02
N LYS A 206 19.46 0.26 -4.09
CA LYS A 206 19.29 -1.05 -3.45
C LYS A 206 17.88 -1.20 -2.88
N LEU A 207 17.54 -0.33 -1.94
CA LEU A 207 16.22 -0.37 -1.31
C LEU A 207 15.61 1.02 -1.25
N THR A 208 14.29 1.09 -1.21
CA THR A 208 13.58 2.35 -1.14
C THR A 208 12.79 2.49 0.15
N LEU A 209 12.62 3.72 0.62
CA LEU A 209 11.89 3.97 1.85
C LEU A 209 10.53 4.59 1.56
N ASP A 210 9.53 4.19 2.35
CA ASP A 210 8.17 4.69 2.17
C ASP A 210 7.50 4.94 3.52
N ALA A 211 6.74 6.03 3.61
CA ALA A 211 6.05 6.39 4.83
C ALA A 211 4.88 7.32 4.56
N GLY A 212 3.73 7.00 5.14
CA GLY A 212 2.54 7.81 4.94
C GLY A 212 1.33 7.27 5.68
N TYR A 213 0.15 7.74 5.29
CA TYR A 213 -1.08 7.30 5.92
C TYR A 213 -1.96 6.53 4.94
N ARG A 214 -2.93 5.79 5.47
CA ARG A 214 -3.83 5.00 4.63
C ARG A 214 -5.24 4.98 5.23
N TYR A 215 -6.21 5.42 4.44
CA TYR A 215 -7.60 5.45 4.89
C TYR A 215 -8.37 4.24 4.35
N HIS A 216 -8.84 3.39 5.26
CA HIS A 216 -9.59 2.20 4.89
C HIS A 216 -11.00 2.25 5.47
N ASN A 217 -11.99 2.01 4.61
CA ASN A 217 -13.39 2.02 5.04
C ASN A 217 -13.97 0.61 5.06
N TRP A 218 -14.92 0.38 5.96
CA TRP A 218 -15.55 -0.94 6.08
C TRP A 218 -16.40 -1.24 4.85
N GLY A 219 -17.22 -0.28 4.46
CA GLY A 219 -18.08 -0.47 3.30
C GLY A 219 -19.52 -0.73 3.68
N ARG A 220 -19.86 -2.00 3.88
CA ARG A 220 -21.22 -2.39 4.24
C ARG A 220 -22.23 -1.81 3.27
N LEU A 221 -23.51 -1.93 3.62
CA LEU A 221 -24.58 -1.41 2.77
C LEU A 221 -24.53 0.11 2.70
N GLU A 222 -25.45 0.70 1.93
CA GLU A 222 -25.51 2.14 1.78
C GLU A 222 -24.16 2.71 1.36
N ASN A 223 -24.04 4.03 1.39
CA ASN A 223 -22.80 4.70 1.02
C ASN A 223 -21.64 4.22 1.88
N THR A 224 -21.78 4.38 3.19
CA THR A 224 -20.74 3.96 4.13
C THR A 224 -21.25 3.97 5.55
N ARG A 225 -20.53 3.31 6.44
CA ARG A 225 -20.92 3.24 7.85
C ARG A 225 -19.70 3.44 8.76
N PHE A 226 -18.87 2.41 8.84
CA PHE A 226 -17.66 2.45 9.67
C PHE A 226 -16.41 2.61 8.81
N LYS A 227 -15.54 3.53 9.21
CA LYS A 227 -14.30 3.78 8.48
C LYS A 227 -13.23 4.32 9.41
N THR A 228 -11.97 4.05 9.07
CA THR A 228 -10.85 4.52 9.87
C THR A 228 -9.55 4.53 9.05
N HIS A 229 -8.58 5.30 9.51
CA HIS A 229 -7.30 5.40 8.83
C HIS A 229 -6.14 5.18 9.80
N GLU A 230 -4.97 4.88 9.25
CA GLU A 230 -3.79 4.64 10.08
C GLU A 230 -2.52 5.09 9.35
N ALA A 231 -1.42 5.18 10.10
CA ALA A 231 -0.15 5.60 9.52
C ALA A 231 0.90 4.52 9.69
N SER A 232 1.78 4.38 8.69
CA SER A 232 2.82 3.37 8.73
C SER A 232 3.87 3.65 7.65
N LEU A 233 4.96 2.87 7.68
CA LEU A 233 6.03 3.03 6.70
C LEU A 233 6.54 1.67 6.23
N GLY A 234 6.92 1.59 4.95
CA GLY A 234 7.42 0.34 4.41
C GLY A 234 8.70 0.53 3.62
N VAL A 235 9.31 -0.58 3.22
CA VAL A 235 10.55 -0.53 2.45
C VAL A 235 10.47 -1.40 1.21
N ARG A 236 10.98 -0.89 0.10
CA ARG A 236 10.95 -1.63 -1.16
C ARG A 236 12.29 -2.31 -1.42
N TYR A 237 12.24 -3.57 -1.85
CA TYR A 237 13.46 -4.33 -2.12
C TYR A 237 13.26 -5.23 -3.33
N ARG A 238 14.31 -5.37 -4.13
CA ARG A 238 14.26 -6.20 -5.32
C ARG A 238 14.18 -7.69 -4.95
#